data_3WYG
#
_entry.id   3WYG
#
_cell.length_a   107.250
_cell.length_b   114.680
_cell.length_c   141.560
_cell.angle_alpha   90.00
_cell.angle_beta   90.00
_cell.angle_gamma   90.00
#
_symmetry.space_group_name_H-M   'P 21 21 21'
#
loop_
_entity.id
_entity.type
_entity.pdbx_description
1 polymer Gsp1p
2 polymer Exportin-1
3 polymer 'cAMP-dependent protein kinase inhibitor alpha'
4 non-polymer "GUANOSINE-5'-TRIPHOSPHATE"
5 non-polymer 'MAGNESIUM ION'
6 water water
#
loop_
_entity_poly.entity_id
_entity_poly.type
_entity_poly.pdbx_seq_one_letter_code
_entity_poly.pdbx_strand_id
1 'polypeptide(L)'
;MSAPAANGEVPTFKLVLVGDGGTGKTTFVKRHLTGEFEKKYIATIGVEVHPLSFYTNFGEIKFDVWDTAGLEKFGGLRDG
YYINAQCAIIMFDVTSRITYKNVPNWHRDLVRVCENIPIVLCGNKVDVKERKVKAKTITFHRKKNLQYYDISAKSNYNFE
KPFLWLARKLAGNPQLEFVASP
;
A
2 'polypeptide(L)'
;GAMEGILDFSNDLDIALLDQVVSTFYQGSGVQQKQAQEILTKFQDNPDAWQKADQILQFSTNPQSKFIALSILDKLITRK
WKLLPNDHRIGIRNFVVGMIISMCQDDEVFKTQKNLINKSDLTLVQILKQEWPQNWPEFIPELIGSSSSSVNVCENNMIV
LKLLSEEVFDFSAEQMTQAKALHLKNSMSKEFEQIFKLCFQVLEQGSSSSLIVATLESLLRYLHWIPYRYIYETNILELL
STKFMTSPDTRAITLKCLTEVSNLKIPQDNDLIKRQTVLFFQNTLQQIATSVMPVTADLKATYANANGNDQSFLQDLAMF
LTTYLARNRALLESDESLRELLLNAHQYLIQLSKIEERELFKTTLDYWHNLVADLFYEPLKKHIYEEICSQLRLVIIENM
VRPEEVLVVENDEGEIVREFVKESDTIQLYKSEREVLVYLTHLNVIDTEEIMISKLARQIDGSEWSWHNINTLSWAIGSI
SGTMSEDTEKRFVVTVIKDLLDLTVKKRGKDNKAVVASDIMYVVGQYPRFLKAHWNFLRTVILKLFEFMHETHEGVQDMA
CDTFIKIVQKCKYHFVIQQPRESEPFIQTIIRDIQKTTADLQPQQVHTFYKACGIIISEERSVAERNRLLSDLMQLPNMA
WDTIVEQSTANPTLLLDSETVKIIANIIKTNVAVCTSMGADFYPQLGHIYYNMLQLYRAVSSMISAQVAAEGLIATKTPK
VRGLRTIKKEILKLVETYISKARNLDDVVKVLVEPLLNAVLEDYMNNVPDARDAEVLNCMTTVVEKVGHMIPQGVILILQ
SVFECTLDMINKDFTEYPEHRVEFYKLLKVINEKSFAAFLELPPAAFKLFVDAICWAFKHNNRDVEVNGLQIALDLVKNI
ERMGNVPFANEFHKNYFFIFVSETFFVLTDSDHKSGFSKQALLLMKLISLVYDNKISVPLYQEAEVPQGTSNQVYLSQYL
ANMLSNAFPHLTSEQIASFLSALTKQYKDLVVFKGTLRDFLVQIKEVGGDPTDYLFAEDKENALMEQNRLEREKAAKIGG
LLKPSELDD
;
C
3 'polypeptide(L)' MTDVETTYADFIASGRTGRRNAIHDILVSSASGNLNELALKLAGLDINKTEGEEDAQRSSTEQSGEAQGEAAKSES D
#
# COMPACT_ATOMS: atom_id res chain seq x y z
N VAL A 10 33.56 13.59 -0.30
CA VAL A 10 32.16 13.16 0.05
C VAL A 10 31.62 12.12 -0.93
N PRO A 11 31.27 10.93 -0.43
CA PRO A 11 30.96 9.91 -1.42
C PRO A 11 29.49 9.99 -1.89
N THR A 12 29.31 9.38 -3.06
CA THR A 12 28.04 9.18 -3.72
C THR A 12 27.64 7.69 -3.67
N PHE A 13 26.37 7.44 -3.41
CA PHE A 13 25.82 6.08 -3.29
C PHE A 13 24.80 5.88 -4.37
N LYS A 14 25.01 4.87 -5.18
CA LYS A 14 24.05 4.50 -6.18
C LYS A 14 22.83 3.91 -5.46
N LEU A 15 21.66 4.47 -5.77
CA LEU A 15 20.41 3.97 -5.21
C LEU A 15 19.52 3.55 -6.33
N VAL A 16 19.03 2.32 -6.32
CA VAL A 16 18.07 1.95 -7.36
C VAL A 16 16.66 1.96 -6.79
N LEU A 17 15.78 2.49 -7.58
CA LEU A 17 14.39 2.63 -7.24
C LEU A 17 13.60 1.75 -8.20
N VAL A 18 12.91 0.77 -7.62
CA VAL A 18 12.17 -0.17 -8.40
C VAL A 18 10.75 -0.38 -7.90
N GLY A 19 9.88 -0.87 -8.77
CA GLY A 19 8.53 -1.23 -8.40
C GLY A 19 7.59 -1.04 -9.53
N ASP A 20 6.36 -1.49 -9.34
CA ASP A 20 5.37 -1.46 -10.42
C ASP A 20 5.14 -0.02 -10.98
N GLY A 21 4.60 0.00 -12.20
CA GLY A 21 4.19 1.24 -12.88
C GLY A 21 3.16 1.97 -12.08
N GLY A 22 3.28 3.29 -12.06
CA GLY A 22 2.31 4.16 -11.44
C GLY A 22 2.36 4.19 -9.92
N THR A 23 3.38 3.61 -9.31
CA THR A 23 3.32 3.48 -7.87
C THR A 23 3.82 4.74 -7.18
N GLY A 24 4.49 5.60 -7.92
CA GLY A 24 5.01 6.86 -7.39
C GLY A 24 6.49 7.06 -7.36
N LYS A 25 7.26 6.24 -8.05
CA LYS A 25 8.72 6.34 -7.92
C LYS A 25 9.25 7.71 -8.44
N THR A 26 8.92 8.02 -9.66
CA THR A 26 9.40 9.25 -10.32
C THR A 26 8.85 10.46 -9.62
N THR A 27 7.57 10.43 -9.26
CA THR A 27 6.98 11.60 -8.63
C THR A 27 7.53 11.79 -7.22
N PHE A 28 7.85 10.71 -6.51
CA PHE A 28 8.54 10.81 -5.21
C PHE A 28 9.90 11.51 -5.38
N VAL A 29 10.70 11.02 -6.30
CA VAL A 29 12.02 11.62 -6.52
C VAL A 29 11.88 13.06 -7.00
N LYS A 30 10.97 13.31 -7.97
CA LYS A 30 10.88 14.68 -8.48
C LYS A 30 10.51 15.67 -7.38
N ARG A 31 9.61 15.29 -6.48
CA ARG A 31 9.31 16.15 -5.35
C ARG A 31 10.51 16.38 -4.44
N HIS A 32 11.29 15.34 -4.21
CA HIS A 32 12.55 15.51 -3.48
C HIS A 32 13.55 16.47 -4.14
N LEU A 33 13.46 16.64 -5.44
CA LEU A 33 14.45 17.44 -6.16
C LEU A 33 13.98 18.87 -6.33
N THR A 34 12.71 19.08 -6.60
CA THR A 34 12.22 20.43 -6.91
C THR A 34 11.14 20.93 -5.95
N GLY A 35 10.70 20.10 -5.02
CA GLY A 35 9.62 20.53 -4.16
C GLY A 35 8.25 20.38 -4.79
N GLU A 36 8.16 20.08 -6.08
CA GLU A 36 6.83 20.11 -6.69
C GLU A 36 6.31 18.70 -6.76
N PHE A 37 5.00 18.56 -6.75
CA PHE A 37 4.35 17.29 -6.88
C PHE A 37 3.59 17.20 -8.21
N GLU A 38 3.98 16.26 -9.07
CA GLU A 38 3.31 16.05 -10.34
C GLU A 38 2.05 15.15 -10.26
N LYS A 39 0.95 15.59 -10.83
CA LYS A 39 -0.30 14.86 -10.76
C LYS A 39 -0.46 13.87 -11.90
N LYS A 40 0.20 14.16 -13.00
CA LYS A 40 0.10 13.31 -14.16
C LYS A 40 0.96 12.08 -14.00
N TYR A 41 0.52 11.01 -14.62
CA TYR A 41 1.38 9.86 -14.67
C TYR A 41 2.09 9.78 -16.01
N ILE A 42 3.39 10.10 -16.07
CA ILE A 42 4.17 9.95 -17.29
C ILE A 42 5.21 8.84 -17.08
N ALA A 43 4.94 7.67 -17.66
CA ALA A 43 5.71 6.47 -17.38
C ALA A 43 7.14 6.69 -17.76
N THR A 44 8.03 6.21 -16.91
CA THR A 44 9.48 6.26 -17.19
C THR A 44 9.85 5.20 -18.25
N ILE A 45 10.79 5.53 -19.11
CA ILE A 45 11.26 4.63 -20.15
C ILE A 45 12.66 4.17 -19.80
N GLY A 46 12.83 2.90 -19.45
CA GLY A 46 14.14 2.41 -19.02
C GLY A 46 14.55 2.90 -17.63
N VAL A 47 15.47 3.85 -17.57
CA VAL A 47 15.91 4.44 -16.31
C VAL A 47 16.17 5.94 -16.51
N GLU A 48 16.09 6.75 -15.45
CA GLU A 48 16.68 8.08 -15.40
C GLU A 48 17.48 8.20 -14.14
N VAL A 49 18.70 8.73 -14.26
CA VAL A 49 19.58 8.87 -13.13
C VAL A 49 19.43 10.29 -12.68
N HIS A 50 19.26 10.50 -11.38
CA HIS A 50 19.06 11.84 -10.82
C HIS A 50 19.96 11.95 -9.63
N PRO A 51 21.00 12.82 -9.67
CA PRO A 51 21.70 13.10 -8.37
C PRO A 51 20.79 13.80 -7.35
N LEU A 52 20.90 13.39 -6.10
CA LEU A 52 20.05 13.89 -5.06
C LEU A 52 20.89 13.95 -3.80
N SER A 53 21.03 15.15 -3.26
CA SER A 53 21.83 15.44 -2.10
C SER A 53 21.00 15.78 -0.90
N PHE A 54 21.44 15.32 0.25
CA PHE A 54 20.85 15.75 1.50
C PHE A 54 21.96 16.30 2.34
N TYR A 55 21.66 17.36 3.08
CA TYR A 55 22.63 17.95 3.98
C TYR A 55 22.32 17.44 5.34
N THR A 56 23.38 17.08 6.04
CA THR A 56 23.20 16.48 7.35
C THR A 56 23.98 17.23 8.39
N ASN A 57 23.80 16.79 9.65
CA ASN A 57 24.56 17.26 10.79
C ASN A 57 25.98 16.68 10.83
N PHE A 58 26.32 15.79 9.91
CA PHE A 58 27.72 15.40 9.75
C PHE A 58 28.18 15.67 8.35
N GLY A 59 27.60 16.61 7.61
CA GLY A 59 28.02 16.88 6.24
C GLY A 59 27.03 16.44 5.16
N GLU A 60 27.46 16.52 3.90
CA GLU A 60 26.60 16.25 2.77
C GLU A 60 26.59 14.75 2.44
N ILE A 61 25.42 14.23 2.09
CA ILE A 61 25.35 12.90 1.51
C ILE A 61 24.72 12.97 0.13
N LYS A 62 25.25 12.18 -0.77
CA LYS A 62 24.87 12.22 -2.19
C LYS A 62 24.41 10.83 -2.61
N PHE A 63 23.26 10.80 -3.24
CA PHE A 63 22.74 9.60 -3.86
C PHE A 63 22.69 9.82 -5.36
N ASP A 64 23.10 8.84 -6.16
CA ASP A 64 22.72 8.81 -7.61
C ASP A 64 21.50 7.93 -7.71
N VAL A 65 20.35 8.53 -8.01
CA VAL A 65 19.16 7.81 -7.90
C VAL A 65 18.81 7.28 -9.29
N TRP A 66 18.78 5.95 -9.37
CA TRP A 66 18.47 5.29 -10.63
C TRP A 66 16.98 4.95 -10.62
N ASP A 67 16.16 5.80 -11.21
CA ASP A 67 14.70 5.66 -11.14
C ASP A 67 14.26 4.79 -12.33
N THR A 68 13.93 3.51 -12.10
CA THR A 68 13.71 2.58 -13.20
C THR A 68 12.24 2.50 -13.57
N ALA A 69 12.00 2.03 -14.79
CA ALA A 69 10.66 1.84 -15.31
C ALA A 69 10.04 0.59 -14.71
N GLY A 70 8.76 0.70 -14.33
CA GLY A 70 7.95 -0.33 -13.73
C GLY A 70 7.10 -1.03 -14.77
N LEU A 71 6.87 -0.41 -15.93
CA LEU A 71 6.02 -1.05 -16.95
C LEU A 71 6.86 -2.03 -17.74
N GLU A 72 6.35 -3.25 -17.93
CA GLU A 72 7.09 -4.27 -18.65
C GLU A 72 7.54 -3.74 -20.02
N LYS A 73 6.67 -3.07 -20.76
CA LYS A 73 7.04 -2.68 -22.13
C LYS A 73 8.12 -1.64 -22.12
N PHE A 74 8.40 -1.00 -20.98
CA PHE A 74 9.45 0.06 -20.91
C PHE A 74 10.61 -0.32 -20.06
N GLY A 75 10.73 -1.59 -19.71
CA GLY A 75 11.67 -2.02 -18.69
C GLY A 75 13.14 -1.83 -19.00
N GLY A 76 13.45 -1.85 -20.28
CA GLY A 76 14.77 -1.59 -20.78
C GLY A 76 15.73 -2.68 -20.35
N LEU A 77 16.84 -2.27 -19.76
CA LEU A 77 17.88 -3.19 -19.27
C LEU A 77 17.50 -4.03 -18.07
N ARG A 78 16.39 -3.67 -17.41
CA ARG A 78 15.86 -4.39 -16.29
C ARG A 78 16.92 -4.53 -15.20
N ASP A 79 17.31 -5.74 -14.81
CA ASP A 79 18.23 -5.96 -13.72
C ASP A 79 19.64 -5.51 -14.03
N GLY A 80 19.94 -5.26 -15.29
CA GLY A 80 21.17 -4.61 -15.61
C GLY A 80 21.34 -3.21 -15.03
N TYR A 81 20.23 -2.55 -14.64
CA TYR A 81 20.34 -1.28 -13.92
C TYR A 81 20.88 -1.44 -12.51
N TYR A 82 20.88 -2.65 -11.97
CA TYR A 82 21.15 -2.82 -10.56
C TYR A 82 22.63 -3.00 -10.23
N ILE A 83 23.44 -3.18 -11.28
CA ILE A 83 24.84 -3.48 -11.07
C ILE A 83 25.47 -2.30 -10.35
N ASN A 84 26.25 -2.60 -9.30
CA ASN A 84 26.95 -1.61 -8.47
C ASN A 84 26.08 -0.89 -7.44
N ALA A 85 24.80 -1.26 -7.35
CA ALA A 85 23.90 -0.48 -6.47
C ALA A 85 24.40 -0.66 -5.07
N GLN A 86 24.39 0.38 -4.28
CA GLN A 86 24.75 0.28 -2.88
C GLN A 86 23.51 0.29 -1.95
N CYS A 87 22.32 0.54 -2.52
CA CYS A 87 21.10 0.55 -1.75
C CYS A 87 19.91 0.63 -2.71
N ALA A 88 18.70 0.43 -2.20
CA ALA A 88 17.54 0.38 -3.01
C ALA A 88 16.29 0.71 -2.22
N ILE A 89 15.31 1.21 -2.93
CA ILE A 89 13.98 1.32 -2.45
C ILE A 89 13.10 0.52 -3.40
N ILE A 90 12.18 -0.24 -2.81
CA ILE A 90 11.16 -0.93 -3.55
C ILE A 90 9.83 -0.28 -3.16
N MET A 91 9.16 0.22 -4.16
CA MET A 91 8.00 0.94 -4.00
C MET A 91 6.77 0.13 -4.47
N PHE A 92 5.69 0.27 -3.71
CA PHE A 92 4.42 -0.18 -4.19
C PHE A 92 3.36 0.86 -3.79
N ASP A 93 2.09 0.58 -4.12
CA ASP A 93 0.94 1.52 -4.04
C ASP A 93 -0.16 0.84 -3.22
N VAL A 94 -0.44 1.37 -2.03
CA VAL A 94 -1.41 0.75 -1.10
C VAL A 94 -2.84 0.84 -1.57
N THR A 95 -3.06 1.54 -2.65
CA THR A 95 -4.36 1.54 -3.27
C THR A 95 -4.42 0.45 -4.31
N SER A 96 -3.33 -0.31 -4.55
CA SER A 96 -3.37 -1.39 -5.57
C SER A 96 -2.71 -2.69 -5.15
N ARG A 97 -3.53 -3.69 -4.86
CA ARG A 97 -3.03 -4.96 -4.32
C ARG A 97 -1.97 -5.65 -5.23
N ILE A 98 -2.11 -5.50 -6.55
CA ILE A 98 -1.22 -6.18 -7.46
C ILE A 98 0.17 -5.63 -7.28
N THR A 99 0.31 -4.36 -6.98
CA THR A 99 1.62 -3.79 -6.84
C THR A 99 2.33 -4.38 -5.60
N TYR A 100 1.58 -4.79 -4.59
CA TYR A 100 2.24 -5.44 -3.42
C TYR A 100 2.52 -6.89 -3.74
N LYS A 101 1.60 -7.51 -4.50
CA LYS A 101 1.82 -8.86 -5.00
C LYS A 101 3.10 -9.01 -5.82
N ASN A 102 3.51 -7.97 -6.56
CA ASN A 102 4.77 -8.01 -7.31
C ASN A 102 6.03 -7.66 -6.58
N VAL A 103 5.93 -7.21 -5.33
CA VAL A 103 7.09 -6.82 -4.57
C VAL A 103 8.11 -7.99 -4.45
N PRO A 104 7.63 -9.26 -4.20
CA PRO A 104 8.64 -10.29 -4.16
C PRO A 104 9.43 -10.47 -5.50
N ASN A 105 8.84 -10.14 -6.61
CA ASN A 105 9.45 -10.32 -7.93
C ASN A 105 10.50 -9.24 -8.10
N TRP A 106 10.16 -8.04 -7.69
CA TRP A 106 11.18 -6.92 -7.73
C TRP A 106 12.32 -7.23 -6.81
N HIS A 107 12.02 -7.71 -5.62
CA HIS A 107 13.07 -8.00 -4.64
C HIS A 107 13.97 -9.12 -5.15
N ARG A 108 13.35 -10.16 -5.69
CA ARG A 108 14.10 -11.29 -6.23
C ARG A 108 15.14 -10.82 -7.27
N ASP A 109 14.68 -10.00 -8.19
CA ASP A 109 15.56 -9.58 -9.28
C ASP A 109 16.65 -8.67 -8.81
N LEU A 110 16.29 -7.89 -7.81
CA LEU A 110 17.25 -7.03 -7.18
C LEU A 110 18.31 -7.77 -6.43
N VAL A 111 17.95 -8.65 -5.50
CA VAL A 111 18.99 -9.17 -4.66
C VAL A 111 19.83 -10.22 -5.40
N ARG A 112 19.33 -10.75 -6.50
CA ARG A 112 20.15 -11.66 -7.30
C ARG A 112 21.34 -10.97 -7.88
N VAL A 113 21.21 -9.65 -8.10
CA VAL A 113 22.29 -8.82 -8.53
C VAL A 113 23.11 -8.26 -7.36
N CYS A 114 22.42 -7.67 -6.38
CA CYS A 114 23.08 -7.09 -5.21
C CYS A 114 22.77 -7.85 -3.91
N GLU A 115 23.69 -8.67 -3.46
CA GLU A 115 23.40 -9.67 -2.44
C GLU A 115 23.16 -8.97 -1.13
N ASN A 116 23.98 -8.01 -0.79
CA ASN A 116 23.94 -7.55 0.59
C ASN A 116 23.88 -6.04 0.72
N ILE A 117 22.77 -5.42 0.31
CA ILE A 117 22.64 -3.98 0.35
C ILE A 117 21.43 -3.62 1.19
N PRO A 118 21.42 -2.45 1.81
CA PRO A 118 20.27 -1.98 2.54
C PRO A 118 19.09 -1.66 1.62
N ILE A 119 17.93 -2.26 1.88
CA ILE A 119 16.73 -2.04 1.08
C ILE A 119 15.58 -1.58 1.93
N VAL A 120 14.88 -0.57 1.45
CA VAL A 120 13.69 -0.12 2.11
C VAL A 120 12.48 -0.42 1.21
N LEU A 121 11.44 -0.95 1.81
CA LEU A 121 10.21 -1.18 1.13
C LEU A 121 9.27 -0.03 1.50
N CYS A 122 8.59 0.57 0.50
CA CYS A 122 7.71 1.76 0.70
C CYS A 122 6.33 1.57 0.14
N GLY A 123 5.36 1.60 1.05
CA GLY A 123 3.99 1.62 0.61
C GLY A 123 3.50 3.03 0.46
N ASN A 124 3.32 3.44 -0.78
CA ASN A 124 2.97 4.82 -1.11
C ASN A 124 1.47 4.98 -1.23
N LYS A 125 1.08 6.25 -1.22
CA LYS A 125 -0.28 6.70 -1.42
C LYS A 125 -1.17 6.48 -0.18
N VAL A 126 -0.59 6.58 1.00
CA VAL A 126 -1.36 6.29 2.19
C VAL A 126 -2.38 7.41 2.51
N ASP A 127 -2.29 8.54 1.80
CA ASP A 127 -3.26 9.59 1.83
C ASP A 127 -4.63 9.24 1.22
N VAL A 128 -4.69 8.21 0.40
CA VAL A 128 -5.89 7.95 -0.36
C VAL A 128 -6.86 7.24 0.57
N LYS A 129 -8.14 7.57 0.45
CA LYS A 129 -9.11 7.10 1.39
C LYS A 129 -9.44 5.61 1.28
N GLU A 130 -9.54 5.04 0.08
CA GLU A 130 -9.87 3.61 0.04
C GLU A 130 -8.52 2.86 -0.03
N ARG A 131 -7.91 2.60 1.12
CA ARG A 131 -6.65 1.87 1.16
C ARG A 131 -6.95 0.39 0.87
N LYS A 132 -6.26 -0.24 -0.08
CA LYS A 132 -6.50 -1.65 -0.36
C LYS A 132 -5.54 -2.63 0.23
N VAL A 133 -4.28 -2.24 0.32
CA VAL A 133 -3.28 -3.11 0.93
C VAL A 133 -3.23 -2.64 2.38
N LYS A 134 -3.95 -3.35 3.24
CA LYS A 134 -4.09 -2.98 4.63
C LYS A 134 -2.78 -3.23 5.37
N ALA A 135 -2.49 -2.39 6.35
CA ALA A 135 -1.25 -2.47 7.12
C ALA A 135 -0.91 -3.86 7.67
N LYS A 136 -1.90 -4.56 8.20
CA LYS A 136 -1.63 -5.90 8.76
C LYS A 136 -1.10 -6.89 7.71
N THR A 137 -1.44 -6.64 6.48
CA THR A 137 -1.10 -7.47 5.36
C THR A 137 0.37 -7.32 4.95
N ILE A 138 0.98 -6.20 5.30
CA ILE A 138 2.28 -5.91 4.75
C ILE A 138 3.34 -6.55 5.65
N THR A 139 3.80 -7.76 5.31
CA THR A 139 4.84 -8.45 6.11
C THR A 139 6.02 -8.99 5.26
N PHE A 140 5.99 -8.84 3.94
CA PHE A 140 7.07 -9.37 3.12
C PHE A 140 8.48 -8.98 3.58
N HIS A 141 8.67 -7.76 3.97
CA HIS A 141 9.98 -7.31 4.40
C HIS A 141 10.57 -8.04 5.60
N ARG A 142 9.75 -8.67 6.43
CA ARG A 142 10.26 -9.25 7.68
C ARG A 142 11.32 -10.30 7.41
N LYS A 143 10.97 -11.36 6.71
CA LYS A 143 11.96 -12.40 6.49
C LYS A 143 13.11 -11.98 5.57
N LYS A 144 12.95 -10.88 4.82
CA LYS A 144 14.02 -10.38 3.99
C LYS A 144 14.82 -9.28 4.61
N ASN A 145 14.55 -8.91 5.87
CA ASN A 145 15.32 -7.87 6.52
C ASN A 145 15.29 -6.51 5.77
N LEU A 146 14.17 -6.15 5.13
CA LEU A 146 13.98 -4.85 4.63
C LEU A 146 13.37 -3.96 5.69
N GLN A 147 13.69 -2.69 5.61
CA GLN A 147 12.97 -1.70 6.36
C GLN A 147 11.63 -1.48 5.66
N TYR A 148 10.63 -1.07 6.40
CA TYR A 148 9.34 -0.72 5.79
C TYR A 148 8.89 0.64 6.23
N TYR A 149 8.37 1.46 5.31
CA TYR A 149 7.59 2.66 5.68
C TYR A 149 6.39 2.83 4.79
N ASP A 150 5.26 3.19 5.41
CA ASP A 150 4.15 3.92 4.75
C ASP A 150 4.69 5.28 4.32
N ILE A 151 4.43 5.72 3.09
CA ILE A 151 4.73 7.06 2.70
C ILE A 151 3.59 7.68 1.90
N SER A 152 3.65 9.01 1.77
CA SER A 152 2.86 9.68 0.78
C SER A 152 3.69 10.73 0.17
N ALA A 153 3.94 10.57 -1.13
CA ALA A 153 4.68 11.57 -1.90
C ALA A 153 3.84 12.82 -2.10
N LYS A 154 2.54 12.66 -2.16
CA LYS A 154 1.62 13.74 -2.40
C LYS A 154 1.40 14.58 -1.16
N SER A 155 1.26 13.94 -0.01
CA SER A 155 0.87 14.64 1.18
C SER A 155 1.98 14.81 2.16
N ASN A 156 3.20 14.50 1.74
CA ASN A 156 4.35 14.63 2.58
C ASN A 156 4.35 13.80 3.87
N TYR A 157 4.02 12.50 3.81
CA TYR A 157 4.00 11.59 5.00
C TYR A 157 5.24 10.72 4.91
N ASN A 158 6.07 10.78 5.95
CA ASN A 158 7.29 9.95 6.01
C ASN A 158 8.14 10.15 4.80
N PHE A 159 8.16 11.37 4.33
CA PHE A 159 8.70 11.74 3.02
C PHE A 159 10.20 11.55 2.89
N GLU A 160 10.94 11.89 3.94
CA GLU A 160 12.40 11.68 4.02
C GLU A 160 12.86 10.39 4.65
N LYS A 161 11.97 9.69 5.29
CA LYS A 161 12.43 8.55 6.05
C LYS A 161 13.22 7.48 5.26
N PRO A 162 12.83 7.20 4.01
CA PRO A 162 13.55 6.11 3.34
C PRO A 162 14.98 6.50 3.09
N PHE A 163 15.21 7.73 2.65
CA PHE A 163 16.56 8.23 2.46
C PHE A 163 17.34 8.38 3.76
N LEU A 164 16.63 8.77 4.83
CA LEU A 164 17.27 8.89 6.13
C LEU A 164 17.78 7.58 6.65
N TRP A 165 16.94 6.55 6.58
CA TRP A 165 17.37 5.24 7.02
C TRP A 165 18.56 4.74 6.19
N LEU A 166 18.47 4.89 4.87
CA LEU A 166 19.56 4.46 4.00
C LEU A 166 20.84 5.23 4.31
N ALA A 167 20.72 6.53 4.55
CA ALA A 167 21.92 7.36 4.76
C ALA A 167 22.63 6.88 6.01
N ARG A 168 21.85 6.60 7.05
CA ARG A 168 22.39 6.08 8.30
C ARG A 168 23.08 4.78 8.07
N LYS A 169 22.43 3.89 7.33
CA LYS A 169 23.03 2.62 7.05
C LYS A 169 24.35 2.78 6.29
N LEU A 170 24.38 3.59 5.24
CA LEU A 170 25.56 3.69 4.40
C LEU A 170 26.70 4.50 5.05
N ALA A 171 26.37 5.50 5.83
CA ALA A 171 27.39 6.26 6.55
C ALA A 171 27.83 5.52 7.81
N GLY A 172 27.18 4.40 8.16
CA GLY A 172 27.36 3.76 9.45
C GLY A 172 27.19 4.67 10.67
N ASN A 173 26.17 5.51 10.70
CA ASN A 173 26.03 6.54 11.70
C ASN A 173 24.57 6.73 12.09
N PRO A 174 24.11 6.01 13.11
CA PRO A 174 22.74 6.04 13.64
C PRO A 174 22.26 7.42 14.07
N GLN A 175 23.17 8.37 14.29
CA GLN A 175 22.75 9.69 14.80
C GLN A 175 22.60 10.72 13.73
N LEU A 176 22.69 10.28 12.51
CA LEU A 176 22.74 11.22 11.45
C LEU A 176 21.34 11.80 11.25
N GLU A 177 21.28 13.10 10.97
CA GLU A 177 20.01 13.79 10.79
C GLU A 177 20.07 14.70 9.64
N PHE A 178 18.94 14.84 8.94
CA PHE A 178 18.87 15.78 7.82
C PHE A 178 18.57 17.19 8.38
N VAL A 179 19.09 18.24 7.73
CA VAL A 179 18.97 19.63 8.25
C VAL A 179 18.60 20.62 7.14
N ASP B 12 27.15 -3.17 -35.92
CA ASP B 12 27.28 -1.73 -35.57
C ASP B 12 28.49 -1.48 -34.62
N LEU B 13 28.36 -1.91 -33.36
CA LEU B 13 29.38 -1.83 -32.32
C LEU B 13 30.17 -3.13 -32.11
N ASP B 14 31.47 -3.08 -32.37
CA ASP B 14 32.31 -4.26 -32.11
C ASP B 14 32.63 -4.24 -30.64
N ILE B 15 33.30 -5.28 -30.16
CA ILE B 15 33.60 -5.52 -28.75
C ILE B 15 34.22 -4.37 -27.96
N ALA B 16 35.28 -3.77 -28.47
CA ALA B 16 35.92 -2.67 -27.77
C ALA B 16 34.97 -1.49 -27.57
N LEU B 17 34.14 -1.19 -28.54
CA LEU B 17 33.27 -0.06 -28.46
C LEU B 17 32.10 -0.39 -27.53
N LEU B 18 31.59 -1.61 -27.60
CA LEU B 18 30.62 -2.03 -26.59
C LEU B 18 31.18 -1.88 -25.20
N ASP B 19 32.41 -2.36 -24.96
CA ASP B 19 33.05 -2.16 -23.65
C ASP B 19 33.06 -0.71 -23.16
N GLN B 20 33.33 0.22 -24.09
CA GLN B 20 33.37 1.65 -23.77
C GLN B 20 31.98 2.22 -23.47
N VAL B 21 31.00 1.83 -24.25
CA VAL B 21 29.59 2.25 -23.97
C VAL B 21 29.14 1.79 -22.59
N VAL B 22 29.44 0.56 -22.23
CA VAL B 22 29.04 0.00 -20.95
C VAL B 22 29.73 0.78 -19.84
N SER B 23 30.99 1.10 -20.04
CA SER B 23 31.72 1.75 -18.97
C SER B 23 31.30 3.24 -18.83
N THR B 24 30.89 3.86 -19.94
CA THR B 24 30.32 5.19 -19.91
C THR B 24 28.91 5.12 -19.21
N PHE B 25 28.10 4.11 -19.54
CA PHE B 25 26.82 4.00 -18.87
C PHE B 25 26.93 3.80 -17.35
N TYR B 26 27.77 2.90 -16.90
CA TYR B 26 27.82 2.56 -15.47
C TYR B 26 28.67 3.49 -14.65
N GLN B 27 29.71 4.05 -15.24
CA GLN B 27 30.70 4.80 -14.46
C GLN B 27 30.71 6.28 -14.78
N GLY B 28 30.05 6.70 -15.85
CA GLY B 28 29.98 8.13 -16.22
C GLY B 28 28.74 8.82 -15.66
N SER B 29 28.28 9.88 -16.32
CA SER B 29 27.24 10.71 -15.74
C SER B 29 26.65 11.63 -16.78
N GLY B 30 25.56 12.28 -16.37
CA GLY B 30 24.96 13.33 -17.14
C GLY B 30 24.53 12.89 -18.52
N VAL B 31 24.69 13.82 -19.44
CA VAL B 31 24.15 13.65 -20.75
C VAL B 31 24.78 12.45 -21.47
N GLN B 32 26.08 12.24 -21.26
CA GLN B 32 26.77 11.19 -21.97
C GLN B 32 26.34 9.80 -21.43
N GLN B 33 26.18 9.70 -20.12
CA GLN B 33 25.62 8.50 -19.53
C GLN B 33 24.26 8.18 -20.14
N LYS B 34 23.43 9.19 -20.32
CA LYS B 34 22.10 8.97 -20.97
C LYS B 34 22.19 8.55 -22.45
N GLN B 35 23.17 9.08 -23.16
CA GLN B 35 23.34 8.70 -24.56
C GLN B 35 23.84 7.26 -24.68
N ALA B 36 24.69 6.87 -23.73
CA ALA B 36 25.17 5.46 -23.69
C ALA B 36 24.04 4.46 -23.37
N GLN B 37 23.19 4.85 -22.42
CA GLN B 37 22.01 4.12 -22.05
C GLN B 37 21.19 3.78 -23.27
N GLU B 38 20.90 4.79 -24.08
CA GLU B 38 20.09 4.54 -25.26
C GLU B 38 20.75 3.61 -26.20
N ILE B 39 22.08 3.72 -26.35
CA ILE B 39 22.82 2.76 -27.22
C ILE B 39 22.68 1.33 -26.65
N LEU B 40 22.91 1.17 -25.37
CA LEU B 40 22.87 -0.13 -24.77
C LEU B 40 21.50 -0.75 -24.82
N THR B 41 20.47 0.05 -24.56
CA THR B 41 19.11 -0.44 -24.52
C THR B 41 18.67 -0.93 -25.89
N LYS B 42 19.02 -0.17 -26.93
CA LYS B 42 18.73 -0.59 -28.28
C LYS B 42 19.49 -1.85 -28.62
N PHE B 43 20.78 -1.89 -28.27
CA PHE B 43 21.57 -3.06 -28.53
C PHE B 43 20.97 -4.35 -27.95
N GLN B 44 20.54 -4.33 -26.70
CA GLN B 44 20.11 -5.58 -26.12
C GLN B 44 18.66 -5.90 -26.49
N ASP B 45 17.97 -4.98 -27.15
CA ASP B 45 16.65 -5.27 -27.68
C ASP B 45 16.74 -5.71 -29.14
N ASN B 46 17.94 -5.67 -29.73
CA ASN B 46 18.08 -6.12 -31.09
C ASN B 46 17.87 -7.65 -31.21
N PRO B 47 16.96 -8.10 -32.09
CA PRO B 47 16.70 -9.54 -32.18
C PRO B 47 17.91 -10.34 -32.66
N ASP B 48 18.86 -9.68 -33.32
CA ASP B 48 20.09 -10.38 -33.73
C ASP B 48 21.24 -10.27 -32.75
N ALA B 49 20.99 -9.59 -31.63
CA ALA B 49 22.06 -9.24 -30.68
C ALA B 49 22.79 -10.45 -30.14
N TRP B 50 22.10 -11.58 -30.09
CA TRP B 50 22.70 -12.76 -29.45
C TRP B 50 23.90 -13.37 -30.11
N GLN B 51 24.15 -13.03 -31.37
CA GLN B 51 25.38 -13.42 -32.06
C GLN B 51 26.55 -12.52 -31.64
N LYS B 52 26.28 -11.28 -31.28
CA LYS B 52 27.34 -10.48 -30.65
C LYS B 52 27.80 -11.05 -29.30
N ALA B 53 27.07 -12.01 -28.73
CA ALA B 53 27.11 -12.25 -27.28
C ALA B 53 28.18 -13.18 -26.81
N ASP B 54 28.32 -14.31 -27.50
CA ASP B 54 29.35 -15.28 -27.16
C ASP B 54 30.66 -14.52 -27.32
N GLN B 55 30.66 -13.67 -28.35
CA GLN B 55 31.84 -12.89 -28.66
C GLN B 55 32.13 -11.97 -27.54
N ILE B 56 31.14 -11.20 -27.09
CA ILE B 56 31.30 -10.47 -25.84
C ILE B 56 31.77 -11.37 -24.74
N LEU B 57 31.15 -12.53 -24.60
CA LEU B 57 31.55 -13.42 -23.48
C LEU B 57 32.99 -13.97 -23.58
N GLN B 58 33.35 -14.45 -24.77
CA GLN B 58 34.79 -14.81 -25.09
C GLN B 58 35.80 -13.65 -24.89
N PHE B 59 35.53 -12.48 -25.45
CA PHE B 59 36.57 -11.46 -25.56
C PHE B 59 36.54 -10.23 -24.68
N SER B 60 35.41 -9.86 -24.11
CA SER B 60 35.36 -8.58 -23.40
C SER B 60 36.22 -8.58 -22.13
N THR B 61 36.69 -7.41 -21.69
CA THR B 61 37.43 -7.28 -20.40
C THR B 61 36.55 -6.58 -19.33
N ASN B 62 35.23 -6.74 -19.43
CA ASN B 62 34.36 -5.91 -18.65
C ASN B 62 33.18 -6.79 -18.19
N PRO B 63 33.15 -7.08 -16.89
CA PRO B 63 32.10 -7.91 -16.29
C PRO B 63 30.71 -7.32 -16.53
N GLN B 64 30.61 -6.02 -16.71
CA GLN B 64 29.32 -5.40 -16.93
C GLN B 64 28.87 -5.70 -18.37
N SER B 65 29.79 -5.71 -19.35
CA SER B 65 29.49 -6.12 -20.71
C SER B 65 28.98 -7.55 -20.76
N LYS B 66 29.63 -8.42 -20.00
CA LYS B 66 29.25 -9.82 -19.93
C LYS B 66 27.87 -10.03 -19.28
N PHE B 67 27.56 -9.25 -18.24
CA PHE B 67 26.17 -9.24 -17.68
C PHE B 67 25.13 -8.95 -18.77
N ILE B 68 25.32 -7.84 -19.47
CA ILE B 68 24.44 -7.51 -20.56
C ILE B 68 24.35 -8.60 -21.64
N ALA B 69 25.49 -9.22 -21.98
CA ALA B 69 25.46 -10.32 -22.95
C ALA B 69 24.62 -11.49 -22.48
N LEU B 70 24.67 -11.79 -21.19
CA LEU B 70 23.83 -12.81 -20.60
C LEU B 70 22.34 -12.45 -20.61
N SER B 71 22.01 -11.20 -20.40
CA SER B 71 20.63 -10.75 -20.45
C SER B 71 20.13 -10.99 -21.82
N ILE B 72 20.95 -10.66 -22.83
CA ILE B 72 20.60 -10.88 -24.23
C ILE B 72 20.35 -12.37 -24.48
N LEU B 73 21.22 -13.23 -23.97
CA LEU B 73 20.99 -14.66 -24.13
C LEU B 73 19.73 -15.17 -23.39
N ASP B 74 19.46 -14.61 -22.22
CA ASP B 74 18.23 -14.93 -21.54
C ASP B 74 17.03 -14.62 -22.42
N LYS B 75 17.02 -13.50 -23.13
CA LYS B 75 15.88 -13.20 -23.98
C LYS B 75 15.68 -14.21 -25.06
N LEU B 76 16.76 -14.68 -25.63
CA LEU B 76 16.74 -15.75 -26.61
C LEU B 76 16.25 -17.07 -26.02
N ILE B 77 16.84 -17.47 -24.91
CA ILE B 77 16.44 -18.69 -24.24
C ILE B 77 14.94 -18.67 -23.90
N THR B 78 14.46 -17.56 -23.36
CA THR B 78 13.11 -17.50 -22.84
C THR B 78 12.12 -17.43 -23.95
N ARG B 79 12.50 -16.89 -25.09
CA ARG B 79 11.52 -16.64 -26.13
C ARG B 79 11.61 -17.42 -27.43
N LYS B 80 12.81 -17.91 -27.79
CA LYS B 80 13.03 -18.39 -29.13
C LYS B 80 13.83 -19.66 -29.18
N TRP B 81 14.13 -20.25 -28.03
CA TRP B 81 14.98 -21.39 -27.92
C TRP B 81 14.57 -22.55 -28.86
N LYS B 82 13.29 -22.73 -29.10
CA LYS B 82 12.83 -23.87 -29.90
C LYS B 82 12.79 -23.62 -31.37
N LEU B 83 12.92 -22.37 -31.80
CA LEU B 83 13.34 -22.03 -33.17
C LEU B 83 14.75 -22.47 -33.50
N LEU B 84 15.56 -22.76 -32.50
CA LEU B 84 16.95 -22.99 -32.73
C LEU B 84 17.23 -24.46 -33.07
N PRO B 85 18.17 -24.67 -34.01
CA PRO B 85 18.62 -26.02 -34.35
C PRO B 85 19.19 -26.73 -33.11
N ASN B 86 18.97 -28.03 -33.02
CA ASN B 86 19.47 -28.76 -31.87
C ASN B 86 20.98 -28.58 -31.68
N ASP B 87 21.70 -28.32 -32.77
CA ASP B 87 23.13 -28.02 -32.74
C ASP B 87 23.47 -26.82 -31.89
N HIS B 88 22.85 -25.68 -32.22
CA HIS B 88 23.05 -24.43 -31.50
C HIS B 88 22.66 -24.63 -30.04
N ARG B 89 21.58 -25.32 -29.76
CA ARG B 89 21.19 -25.52 -28.37
C ARG B 89 22.24 -26.17 -27.53
N ILE B 90 22.77 -27.29 -28.02
CA ILE B 90 23.82 -27.99 -27.28
C ILE B 90 25.09 -27.12 -27.24
N GLY B 91 25.35 -26.36 -28.29
CA GLY B 91 26.51 -25.42 -28.32
C GLY B 91 26.37 -24.33 -27.27
N ILE B 92 25.22 -23.70 -27.20
CA ILE B 92 25.01 -22.66 -26.18
C ILE B 92 25.08 -23.22 -24.78
N ARG B 93 24.51 -24.38 -24.59
CA ARG B 93 24.54 -25.06 -23.31
C ARG B 93 25.96 -25.45 -22.85
N ASN B 94 26.72 -26.01 -23.79
CA ASN B 94 28.14 -26.35 -23.55
C ASN B 94 28.93 -25.07 -23.27
N PHE B 95 28.67 -24.04 -24.03
CA PHE B 95 29.32 -22.75 -23.80
C PHE B 95 29.04 -22.17 -22.39
N VAL B 96 27.77 -22.15 -21.98
CA VAL B 96 27.40 -21.58 -20.67
C VAL B 96 27.99 -22.41 -19.49
N VAL B 97 27.89 -23.73 -19.61
CA VAL B 97 28.47 -24.63 -18.61
C VAL B 97 30.00 -24.37 -18.50
N GLY B 98 30.70 -24.37 -19.63
CA GLY B 98 32.17 -24.12 -19.58
C GLY B 98 32.52 -22.74 -19.06
N MET B 99 31.69 -21.77 -19.36
CA MET B 99 31.99 -20.45 -18.89
C MET B 99 31.79 -20.37 -17.36
N ILE B 100 30.78 -21.05 -16.85
CA ILE B 100 30.59 -21.05 -15.42
C ILE B 100 31.80 -21.70 -14.74
N ILE B 101 32.26 -22.83 -15.29
CA ILE B 101 33.40 -23.51 -14.71
C ILE B 101 34.66 -22.63 -14.72
N SER B 102 34.94 -21.89 -15.79
CA SER B 102 36.11 -20.96 -15.82
C SER B 102 36.03 -19.90 -14.79
N MET B 103 34.88 -19.27 -14.67
CA MET B 103 34.74 -18.26 -13.65
C MET B 103 34.95 -18.82 -12.25
N CYS B 104 34.53 -20.06 -11.99
CA CYS B 104 34.76 -20.68 -10.68
C CYS B 104 36.22 -20.99 -10.41
N GLN B 105 36.91 -21.43 -11.44
CA GLN B 105 38.29 -21.83 -11.34
C GLN B 105 39.25 -20.65 -11.38
N ASP B 106 38.73 -19.44 -11.57
CA ASP B 106 39.54 -18.22 -11.50
C ASP B 106 39.25 -17.46 -10.20
N ASP B 107 40.24 -17.46 -9.32
CA ASP B 107 40.07 -16.97 -7.95
C ASP B 107 39.60 -15.52 -7.80
N GLU B 108 40.21 -14.60 -8.57
CA GLU B 108 39.86 -13.17 -8.51
C GLU B 108 38.43 -12.99 -8.97
N VAL B 109 38.09 -13.66 -10.05
CA VAL B 109 36.72 -13.61 -10.60
C VAL B 109 35.74 -14.26 -9.64
N PHE B 110 36.11 -15.42 -9.10
CA PHE B 110 35.27 -16.05 -8.10
C PHE B 110 35.04 -15.17 -6.86
N LYS B 111 36.09 -14.46 -6.42
CA LYS B 111 35.98 -13.51 -5.28
C LYS B 111 35.12 -12.32 -5.62
N THR B 112 35.41 -11.69 -6.74
CA THR B 112 35.01 -10.31 -6.97
C THR B 112 33.92 -10.08 -8.02
N GLN B 113 33.37 -11.14 -8.63
CA GLN B 113 32.43 -11.03 -9.77
C GLN B 113 31.20 -11.90 -9.55
N LYS B 114 30.80 -11.91 -8.30
CA LYS B 114 29.81 -12.85 -7.84
C LYS B 114 28.47 -12.56 -8.54
N ASN B 115 28.19 -11.30 -8.83
CA ASN B 115 26.94 -10.99 -9.53
C ASN B 115 26.89 -11.59 -10.93
N LEU B 116 28.06 -11.63 -11.56
CA LEU B 116 28.28 -12.20 -12.85
C LEU B 116 28.17 -13.71 -12.86
N ILE B 117 28.76 -14.37 -11.88
CA ILE B 117 28.55 -15.81 -11.74
C ILE B 117 27.10 -16.14 -11.42
N ASN B 118 26.48 -15.37 -10.52
CA ASN B 118 25.07 -15.59 -10.21
C ASN B 118 24.15 -15.45 -11.42
N LYS B 119 24.46 -14.49 -12.26
CA LYS B 119 23.75 -14.28 -13.53
C LYS B 119 23.95 -15.42 -14.54
N SER B 120 25.17 -15.94 -14.59
CA SER B 120 25.48 -17.07 -15.43
C SER B 120 24.77 -18.31 -14.94
N ASP B 121 24.79 -18.54 -13.64
CA ASP B 121 24.01 -19.61 -13.03
C ASP B 121 22.52 -19.53 -13.38
N LEU B 122 21.96 -18.32 -13.35
CA LEU B 122 20.52 -18.12 -13.66
C LEU B 122 20.26 -18.41 -15.16
N THR B 123 21.16 -17.97 -16.00
CA THR B 123 21.11 -18.34 -17.40
C THR B 123 21.11 -19.87 -17.59
N LEU B 124 21.98 -20.60 -16.89
CA LEU B 124 21.94 -22.07 -16.96
C LEU B 124 20.55 -22.61 -16.58
N VAL B 125 19.99 -22.04 -15.51
CA VAL B 125 18.67 -22.45 -15.06
C VAL B 125 17.63 -22.20 -16.11
N GLN B 126 17.75 -21.13 -16.84
CA GLN B 126 16.77 -20.88 -17.90
C GLN B 126 16.84 -21.99 -18.95
N ILE B 127 18.05 -22.47 -19.22
CA ILE B 127 18.23 -23.58 -20.15
C ILE B 127 17.68 -24.88 -19.59
N LEU B 128 17.96 -25.14 -18.33
CA LEU B 128 17.34 -26.28 -17.66
C LEU B 128 15.81 -26.29 -17.78
N LYS B 129 15.20 -25.13 -17.63
CA LYS B 129 13.75 -25.08 -17.76
C LYS B 129 13.25 -25.59 -19.10
N GLN B 130 14.03 -25.31 -20.14
CA GLN B 130 13.70 -25.73 -21.52
C GLN B 130 14.06 -27.17 -21.79
N GLU B 131 15.15 -27.64 -21.20
CA GLU B 131 15.83 -28.86 -21.66
C GLU B 131 15.73 -29.99 -20.70
N TRP B 132 15.50 -29.72 -19.42
CA TRP B 132 15.69 -30.70 -18.36
C TRP B 132 14.37 -31.16 -17.78
N PRO B 133 14.28 -32.48 -17.46
CA PRO B 133 15.25 -33.55 -17.69
C PRO B 133 15.19 -34.30 -19.01
N GLN B 134 14.14 -34.07 -19.78
CA GLN B 134 13.88 -34.84 -21.01
C GLN B 134 15.01 -34.87 -22.06
N ASN B 135 15.73 -33.77 -22.27
CA ASN B 135 16.90 -33.72 -23.12
C ASN B 135 18.16 -33.45 -22.34
N TRP B 136 18.16 -33.71 -21.04
CA TRP B 136 19.39 -33.57 -20.31
C TRP B 136 19.39 -34.41 -19.07
N PRO B 137 19.19 -35.73 -19.25
CA PRO B 137 18.91 -36.53 -18.09
C PRO B 137 20.06 -36.68 -17.18
N GLU B 138 21.28 -36.45 -17.65
CA GLU B 138 22.41 -36.66 -16.74
C GLU B 138 22.77 -35.38 -15.98
N PHE B 139 21.94 -34.33 -16.06
CA PHE B 139 22.34 -33.04 -15.45
C PHE B 139 22.68 -33.14 -13.97
N ILE B 140 21.78 -33.72 -13.18
CA ILE B 140 22.02 -33.79 -11.74
C ILE B 140 23.19 -34.68 -11.41
N PRO B 141 23.21 -35.94 -11.91
CA PRO B 141 24.45 -36.72 -11.56
C PRO B 141 25.74 -36.05 -12.02
N GLU B 142 25.73 -35.38 -13.19
CA GLU B 142 26.92 -34.61 -13.62
C GLU B 142 27.29 -33.49 -12.66
N LEU B 143 26.27 -32.78 -12.15
CA LEU B 143 26.51 -31.67 -11.27
C LEU B 143 27.10 -32.20 -9.99
N ILE B 144 26.56 -33.30 -9.49
CA ILE B 144 27.00 -33.83 -8.22
C ILE B 144 28.44 -34.23 -8.35
N GLY B 145 28.73 -34.96 -9.43
CA GLY B 145 30.09 -35.36 -9.75
C GLY B 145 31.08 -34.22 -9.83
N SER B 146 30.76 -33.16 -10.57
CA SER B 146 31.68 -32.04 -10.69
C SER B 146 31.90 -31.30 -9.37
N SER B 147 31.08 -31.57 -8.35
CA SER B 147 31.29 -30.92 -7.07
C SER B 147 32.48 -31.47 -6.31
N SER B 148 32.85 -32.72 -6.57
CA SER B 148 34.10 -33.24 -5.97
C SER B 148 35.34 -32.57 -6.60
N SER B 149 35.19 -32.05 -7.83
CA SER B 149 36.35 -31.55 -8.60
C SER B 149 36.96 -30.27 -8.06
N SER B 150 36.17 -29.45 -7.34
CA SER B 150 36.65 -28.17 -6.82
C SER B 150 35.70 -27.58 -5.78
N VAL B 151 36.24 -27.06 -4.68
CA VAL B 151 35.42 -26.39 -3.65
C VAL B 151 34.66 -25.14 -4.17
N ASN B 152 35.23 -24.47 -5.16
CA ASN B 152 34.55 -23.32 -5.77
C ASN B 152 33.38 -23.80 -6.61
N VAL B 153 33.61 -24.83 -7.41
CA VAL B 153 32.55 -25.41 -8.22
C VAL B 153 31.40 -25.98 -7.39
N CYS B 154 31.76 -26.62 -6.29
CA CYS B 154 30.80 -27.19 -5.37
C CYS B 154 29.91 -26.08 -4.79
N GLU B 155 30.54 -25.03 -4.28
CA GLU B 155 29.81 -23.90 -3.79
C GLU B 155 28.90 -23.33 -4.87
N ASN B 156 29.44 -23.17 -6.06
CA ASN B 156 28.64 -22.58 -7.12
C ASN B 156 27.51 -23.49 -7.53
N ASN B 157 27.75 -24.79 -7.43
CA ASN B 157 26.69 -25.75 -7.63
C ASN B 157 25.49 -25.60 -6.67
N MET B 158 25.78 -25.22 -5.43
CA MET B 158 24.72 -24.92 -4.46
C MET B 158 23.90 -23.69 -4.89
N ILE B 159 24.53 -22.74 -5.57
CA ILE B 159 23.81 -21.56 -6.01
C ILE B 159 22.86 -21.97 -7.14
N VAL B 160 23.39 -22.79 -8.03
CA VAL B 160 22.62 -23.33 -9.12
C VAL B 160 21.39 -24.10 -8.65
N LEU B 161 21.57 -24.95 -7.64
CA LEU B 161 20.46 -25.74 -7.18
C LEU B 161 19.46 -24.85 -6.46
N LYS B 162 19.96 -23.83 -5.79
CA LYS B 162 19.09 -22.90 -5.08
C LYS B 162 18.21 -22.16 -6.07
N LEU B 163 18.81 -21.59 -7.10
CA LEU B 163 18.04 -20.91 -8.15
C LEU B 163 17.09 -21.84 -8.92
N LEU B 164 17.52 -23.07 -9.15
CA LEU B 164 16.58 -24.01 -9.77
C LEU B 164 15.36 -24.21 -8.86
N SER B 165 15.57 -24.38 -7.57
CA SER B 165 14.47 -24.58 -6.69
C SER B 165 13.53 -23.40 -6.70
N GLU B 166 14.08 -22.21 -6.73
CA GLU B 166 13.28 -21.00 -6.74
C GLU B 166 12.49 -20.86 -8.02
N GLU B 167 13.12 -21.19 -9.12
CA GLU B 167 12.47 -20.97 -10.40
C GLU B 167 11.39 -22.01 -10.62
N VAL B 168 11.58 -23.19 -10.05
CA VAL B 168 10.56 -24.28 -10.17
C VAL B 168 9.41 -24.16 -9.16
N PHE B 169 9.72 -23.88 -7.90
CA PHE B 169 8.72 -23.89 -6.82
C PHE B 169 8.19 -22.53 -6.39
N ASP B 170 9.05 -21.55 -6.25
CA ASP B 170 8.61 -20.27 -5.68
C ASP B 170 8.12 -19.30 -6.72
N PHE B 171 8.68 -19.30 -7.93
CA PHE B 171 8.34 -18.28 -8.86
C PHE B 171 7.76 -18.82 -10.17
N SER B 172 7.23 -20.04 -10.19
CA SER B 172 6.82 -20.61 -11.49
C SER B 172 5.38 -20.26 -11.88
N ALA B 173 4.58 -19.89 -10.88
CA ALA B 173 3.18 -19.60 -11.12
C ALA B 173 3.12 -18.38 -11.98
N GLU B 174 2.37 -18.43 -13.07
CA GLU B 174 2.39 -17.26 -13.99
C GLU B 174 3.63 -17.05 -14.89
N GLN B 175 4.79 -17.64 -14.58
CA GLN B 175 5.88 -17.63 -15.53
C GLN B 175 5.93 -18.88 -16.42
N MET B 176 5.21 -19.94 -16.06
CA MET B 176 5.15 -21.18 -16.84
C MET B 176 3.73 -21.61 -16.92
N THR B 177 3.43 -22.43 -17.93
CA THR B 177 2.18 -23.15 -17.90
C THR B 177 2.05 -24.05 -16.67
N GLN B 178 0.82 -24.27 -16.27
CA GLN B 178 0.52 -25.21 -15.21
C GLN B 178 1.12 -26.58 -15.49
N ALA B 179 1.00 -27.06 -16.72
CA ALA B 179 1.59 -28.36 -17.09
C ALA B 179 3.10 -28.37 -17.00
N LYS B 180 3.75 -27.33 -17.52
CA LYS B 180 5.19 -27.26 -17.44
C LYS B 180 5.70 -27.23 -15.98
N ALA B 181 5.03 -26.46 -15.14
CA ALA B 181 5.45 -26.31 -13.76
C ALA B 181 5.32 -27.67 -13.06
N LEU B 182 4.20 -28.35 -13.24
CA LEU B 182 4.03 -29.69 -12.66
C LEU B 182 5.15 -30.65 -13.08
N HIS B 183 5.52 -30.62 -14.36
CA HIS B 183 6.57 -31.50 -14.87
C HIS B 183 7.90 -31.20 -14.20
N LEU B 184 8.25 -29.93 -14.05
CA LEU B 184 9.51 -29.57 -13.48
C LEU B 184 9.52 -29.88 -11.98
N LYS B 185 8.40 -29.70 -11.30
CA LYS B 185 8.34 -30.04 -9.87
C LYS B 185 8.43 -31.53 -9.62
N ASN B 186 7.73 -32.31 -10.42
CA ASN B 186 7.87 -33.77 -10.38
C ASN B 186 9.29 -34.21 -10.71
N SER B 187 9.92 -33.54 -11.66
CA SER B 187 11.28 -33.87 -12.03
C SER B 187 12.27 -33.60 -10.87
N MET B 188 12.10 -32.47 -10.18
CA MET B 188 12.96 -32.17 -9.04
C MET B 188 12.70 -33.07 -7.85
N SER B 189 11.44 -33.36 -7.62
CA SER B 189 11.07 -34.28 -6.61
C SER B 189 11.74 -35.64 -6.80
N LYS B 190 11.76 -36.13 -8.02
CA LYS B 190 12.31 -37.44 -8.30
C LYS B 190 13.80 -37.47 -8.15
N GLU B 191 14.47 -36.36 -8.31
CA GLU B 191 15.90 -36.42 -8.23
C GLU B 191 16.43 -35.83 -6.95
N PHE B 192 15.55 -35.43 -6.05
CA PHE B 192 15.99 -34.73 -4.88
C PHE B 192 16.77 -35.61 -3.87
N GLU B 193 16.51 -36.89 -3.88
CA GLU B 193 17.22 -37.79 -2.97
C GLU B 193 18.74 -37.64 -3.11
N GLN B 194 19.20 -37.62 -4.35
CA GLN B 194 20.62 -37.35 -4.67
C GLN B 194 21.09 -35.91 -4.37
N ILE B 195 20.25 -34.90 -4.58
CA ILE B 195 20.63 -33.54 -4.26
C ILE B 195 20.75 -33.45 -2.73
N PHE B 196 19.80 -34.04 -2.02
CA PHE B 196 19.87 -34.05 -0.55
C PHE B 196 21.14 -34.70 -0.02
N LYS B 197 21.48 -35.87 -0.56
CA LYS B 197 22.73 -36.62 -0.23
C LYS B 197 23.93 -35.65 -0.31
N LEU B 198 24.04 -34.93 -1.42
CA LEU B 198 25.16 -33.99 -1.58
C LEU B 198 25.13 -32.91 -0.54
N CYS B 199 23.93 -32.39 -0.35
CA CYS B 199 23.72 -31.32 0.56
C CYS B 199 24.05 -31.74 1.99
N PHE B 200 23.60 -32.90 2.40
CA PHE B 200 23.83 -33.33 3.75
C PHE B 200 25.31 -33.63 3.96
N GLN B 201 25.92 -34.27 2.99
CA GLN B 201 27.34 -34.56 3.06
C GLN B 201 28.19 -33.29 3.27
N VAL B 202 27.90 -32.25 2.50
CA VAL B 202 28.60 -30.99 2.71
C VAL B 202 28.30 -30.43 4.10
N LEU B 203 27.05 -30.49 4.56
CA LEU B 203 26.81 -29.86 5.86
C LEU B 203 27.60 -30.58 6.96
N GLU B 204 27.70 -31.89 6.86
CA GLU B 204 28.35 -32.60 7.94
C GLU B 204 29.87 -32.58 7.89
N GLN B 205 30.46 -32.47 6.70
CA GLN B 205 31.93 -32.51 6.55
C GLN B 205 32.51 -31.13 6.36
N GLY B 206 32.03 -30.42 5.35
CA GLY B 206 32.60 -29.15 4.91
C GLY B 206 33.14 -28.26 6.01
N SER B 207 34.25 -27.56 5.69
CA SER B 207 34.87 -26.53 6.56
C SER B 207 34.44 -25.13 6.11
N SER B 208 34.68 -24.87 4.81
CA SER B 208 34.60 -23.53 4.21
C SER B 208 33.29 -22.89 4.55
N SER B 209 33.36 -21.85 5.37
CA SER B 209 32.17 -21.18 5.75
C SER B 209 31.38 -20.71 4.50
N SER B 210 32.05 -20.23 3.46
CA SER B 210 31.30 -19.73 2.32
C SER B 210 30.54 -20.88 1.61
N LEU B 211 31.13 -22.06 1.54
CA LEU B 211 30.46 -23.23 1.00
C LEU B 211 29.26 -23.67 1.87
N ILE B 212 29.43 -23.60 3.17
CA ILE B 212 28.43 -24.05 4.05
C ILE B 212 27.30 -23.06 4.01
N VAL B 213 27.62 -21.77 3.92
CA VAL B 213 26.58 -20.77 3.89
C VAL B 213 25.76 -20.93 2.63
N ALA B 214 26.43 -21.19 1.52
CA ALA B 214 25.70 -21.43 0.30
C ALA B 214 24.83 -22.66 0.41
N THR B 215 25.37 -23.72 0.99
CA THR B 215 24.59 -24.93 1.15
C THR B 215 23.31 -24.65 1.96
N LEU B 216 23.42 -23.93 3.06
CA LEU B 216 22.26 -23.62 3.91
C LEU B 216 21.27 -22.67 3.20
N GLU B 217 21.76 -21.82 2.29
CA GLU B 217 20.88 -20.99 1.52
C GLU B 217 20.04 -21.83 0.60
N SER B 218 20.61 -22.89 0.09
CA SER B 218 19.83 -23.71 -0.81
C SER B 218 18.82 -24.54 0.02
N LEU B 219 19.27 -25.08 1.15
CA LEU B 219 18.37 -25.80 2.07
C LEU B 219 17.15 -24.92 2.43
N LEU B 220 17.36 -23.65 2.79
CA LEU B 220 16.27 -22.72 3.02
C LEU B 220 15.21 -22.75 1.92
N ARG B 221 15.62 -22.74 0.67
CA ARG B 221 14.68 -22.84 -0.40
C ARG B 221 14.08 -24.21 -0.49
N TYR B 222 14.86 -25.27 -0.30
CA TYR B 222 14.24 -26.57 -0.41
C TYR B 222 13.13 -26.78 0.61
N LEU B 223 13.24 -26.16 1.77
CA LEU B 223 12.30 -26.35 2.83
C LEU B 223 10.93 -25.82 2.47
N HIS B 224 10.84 -24.91 1.53
CA HIS B 224 9.54 -24.47 1.03
C HIS B 224 8.71 -25.62 0.47
N TRP B 225 9.31 -26.72 0.03
CA TRP B 225 8.57 -27.77 -0.65
C TRP B 225 8.91 -29.18 -0.34
N ILE B 226 10.09 -29.48 0.21
CA ILE B 226 10.43 -30.88 0.44
C ILE B 226 9.60 -31.59 1.51
N PRO B 227 9.47 -32.91 1.36
CA PRO B 227 8.76 -33.71 2.35
C PRO B 227 9.48 -33.74 3.68
N TYR B 228 8.73 -33.72 4.77
CA TYR B 228 9.30 -33.50 6.09
C TYR B 228 10.30 -34.62 6.50
N ARG B 229 10.18 -35.78 5.88
CA ARG B 229 11.05 -36.89 6.21
C ARG B 229 12.51 -36.63 5.96
N TYR B 230 12.87 -35.78 5.00
CA TYR B 230 14.27 -35.38 4.84
C TYR B 230 14.80 -34.64 6.04
N ILE B 231 13.89 -34.00 6.78
CA ILE B 231 14.26 -33.23 7.96
C ILE B 231 14.27 -34.03 9.26
N TYR B 232 13.18 -34.74 9.48
CA TYR B 232 12.95 -35.56 10.67
C TYR B 232 13.50 -36.99 10.64
N GLU B 233 13.84 -37.55 9.48
CA GLU B 233 14.37 -38.91 9.46
C GLU B 233 15.80 -38.92 9.07
N THR B 234 16.48 -37.79 9.24
CA THR B 234 17.91 -37.75 9.01
C THR B 234 18.42 -37.10 10.22
N ASN B 235 19.70 -36.86 10.26
CA ASN B 235 20.28 -36.15 11.35
C ASN B 235 20.45 -34.64 11.15
N ILE B 236 19.85 -34.08 10.10
CA ILE B 236 20.03 -32.66 9.78
C ILE B 236 19.56 -31.69 10.85
N LEU B 237 18.53 -32.06 11.61
CA LEU B 237 18.06 -31.16 12.69
C LEU B 237 19.06 -30.93 13.78
N GLU B 238 19.75 -31.99 14.13
CA GLU B 238 20.87 -31.89 15.06
C GLU B 238 21.92 -30.96 14.54
N LEU B 239 22.29 -31.10 13.29
CA LEU B 239 23.34 -30.20 12.77
C LEU B 239 22.91 -28.74 12.77
N LEU B 240 21.68 -28.47 12.31
CA LEU B 240 21.21 -27.08 12.30
C LEU B 240 21.17 -26.50 13.70
N SER B 241 20.70 -27.27 14.68
CA SER B 241 20.43 -26.69 16.00
C SER B 241 21.65 -26.62 16.89
N THR B 242 22.74 -27.33 16.56
CA THR B 242 23.95 -27.35 17.43
C THR B 242 25.16 -26.78 16.69
N LYS B 243 25.67 -27.56 15.77
CA LYS B 243 26.80 -27.18 14.93
C LYS B 243 26.74 -25.83 14.28
N PHE B 244 25.70 -25.52 13.50
CA PHE B 244 25.65 -24.21 12.78
C PHE B 244 25.15 -23.00 13.56
N MET B 245 24.69 -23.24 14.78
CA MET B 245 24.42 -22.14 15.67
C MET B 245 25.67 -21.72 16.42
N THR B 246 26.63 -22.64 16.59
CA THR B 246 27.89 -22.30 17.34
C THR B 246 28.82 -21.41 16.53
N SER B 247 28.97 -21.70 15.24
CA SER B 247 29.83 -20.88 14.38
C SER B 247 29.13 -19.60 13.92
N PRO B 248 29.70 -18.42 14.20
CA PRO B 248 29.15 -17.11 13.84
C PRO B 248 28.57 -16.93 12.43
N ASP B 249 29.27 -17.34 11.39
CA ASP B 249 28.86 -17.01 10.01
C ASP B 249 27.59 -17.75 9.50
N THR B 250 27.14 -18.73 10.24
CA THR B 250 26.05 -19.59 9.83
C THR B 250 24.80 -19.39 10.69
N ARG B 251 24.88 -18.49 11.66
CA ARG B 251 23.84 -18.36 12.64
C ARG B 251 22.50 -17.86 12.09
N ALA B 252 22.54 -16.77 11.35
CA ALA B 252 21.38 -16.15 10.79
C ALA B 252 20.69 -17.07 9.78
N ILE B 253 21.46 -17.61 8.85
CA ILE B 253 20.88 -18.47 7.83
C ILE B 253 20.32 -19.76 8.48
N THR B 254 20.96 -20.25 9.52
CA THR B 254 20.49 -21.44 10.21
C THR B 254 19.14 -21.14 10.94
N LEU B 255 19.04 -19.99 11.57
CA LEU B 255 17.76 -19.61 12.13
C LEU B 255 16.69 -19.44 11.09
N LYS B 256 17.02 -18.88 9.93
CA LYS B 256 16.00 -18.86 8.86
C LYS B 256 15.56 -20.26 8.46
N CYS B 257 16.50 -21.17 8.30
CA CYS B 257 16.13 -22.55 8.02
C CYS B 257 15.27 -23.13 9.12
N LEU B 258 15.67 -22.93 10.38
CA LEU B 258 14.91 -23.55 11.45
C LEU B 258 13.48 -22.91 11.56
N THR B 259 13.34 -21.66 11.12
CA THR B 259 12.03 -20.99 11.04
C THR B 259 11.18 -21.72 10.05
N GLU B 260 11.73 -22.09 8.89
CA GLU B 260 10.96 -22.81 7.92
C GLU B 260 10.79 -24.29 8.33
N VAL B 261 11.75 -24.91 9.05
CA VAL B 261 11.48 -26.25 9.63
C VAL B 261 10.24 -26.17 10.49
N SER B 262 10.14 -25.13 11.32
CA SER B 262 9.01 -25.01 12.23
C SER B 262 7.67 -24.87 11.45
N ASN B 263 7.72 -24.52 10.16
CA ASN B 263 6.49 -24.38 9.39
C ASN B 263 6.21 -25.61 8.53
N LEU B 264 7.06 -26.64 8.56
CA LEU B 264 6.79 -27.85 7.78
C LEU B 264 5.42 -28.49 8.01
N LYS B 265 4.98 -29.20 6.96
CA LYS B 265 3.79 -30.07 7.03
C LYS B 265 4.25 -31.39 7.66
N ILE B 266 3.83 -31.62 8.89
CA ILE B 266 4.31 -32.79 9.62
C ILE B 266 3.14 -33.53 10.23
N PRO B 267 3.33 -34.82 10.58
CA PRO B 267 2.22 -35.54 11.25
C PRO B 267 1.94 -34.93 12.64
N GLN B 268 0.68 -34.99 13.07
CA GLN B 268 0.19 -34.26 14.25
C GLN B 268 -0.07 -35.11 15.51
N ASP B 269 -0.08 -36.42 15.34
CA ASP B 269 -0.48 -37.35 16.40
C ASP B 269 0.70 -38.30 16.54
N ASN B 270 1.90 -37.74 16.66
CA ASN B 270 3.08 -38.55 16.65
C ASN B 270 4.04 -38.07 17.72
N ASP B 271 4.21 -38.87 18.77
CA ASP B 271 5.10 -38.54 19.92
C ASP B 271 6.54 -38.31 19.48
N LEU B 272 7.04 -39.14 18.58
CA LEU B 272 8.44 -39.03 18.17
C LEU B 272 8.66 -37.68 17.52
N ILE B 273 7.76 -37.31 16.61
CA ILE B 273 7.89 -36.03 15.93
C ILE B 273 7.80 -34.87 16.90
N LYS B 274 6.91 -34.96 17.88
CA LYS B 274 6.85 -33.93 18.92
C LYS B 274 8.15 -33.79 19.64
N ARG B 275 8.78 -34.91 19.98
CA ARG B 275 10.04 -34.83 20.77
C ARG B 275 11.09 -34.24 19.94
N GLN B 276 11.15 -34.62 18.67
CA GLN B 276 12.09 -33.99 17.77
C GLN B 276 11.91 -32.51 17.72
N THR B 277 10.66 -32.05 17.74
CA THR B 277 10.35 -30.63 17.57
C THR B 277 10.75 -29.85 18.81
N VAL B 278 10.55 -30.46 19.96
CA VAL B 278 11.03 -29.86 21.20
C VAL B 278 12.57 -29.85 21.17
N LEU B 279 13.16 -30.95 20.72
CA LEU B 279 14.63 -31.07 20.84
C LEU B 279 15.35 -30.02 19.99
N PHE B 280 14.92 -29.78 18.75
CA PHE B 280 15.68 -28.79 17.99
C PHE B 280 15.59 -27.40 18.61
N PHE B 281 14.50 -27.10 19.29
CA PHE B 281 14.31 -25.79 19.89
C PHE B 281 15.15 -25.73 21.14
N GLN B 282 15.10 -26.80 21.91
CA GLN B 282 16.02 -26.93 23.06
C GLN B 282 17.49 -26.73 22.67
N ASN B 283 17.95 -27.49 21.68
CA ASN B 283 19.32 -27.32 21.20
C ASN B 283 19.63 -25.91 20.82
N THR B 284 18.73 -25.29 20.05
CA THR B 284 18.97 -23.98 19.56
C THR B 284 19.09 -22.95 20.63
N LEU B 285 18.18 -22.96 21.60
CA LEU B 285 18.16 -21.94 22.63
C LEU B 285 19.37 -22.10 23.56
N GLN B 286 19.70 -23.35 23.90
CA GLN B 286 20.94 -23.65 24.66
C GLN B 286 22.19 -23.14 23.94
N GLN B 287 22.26 -23.36 22.64
CA GLN B 287 23.43 -22.93 21.88
C GLN B 287 23.52 -21.42 21.79
N ILE B 288 22.37 -20.75 21.76
CA ILE B 288 22.35 -19.30 21.73
C ILE B 288 22.87 -18.79 23.08
N ALA B 289 22.47 -19.42 24.17
CA ALA B 289 22.92 -18.97 25.52
C ALA B 289 24.42 -19.27 25.75
N THR B 290 24.88 -20.45 25.37
CA THR B 290 26.28 -20.87 25.47
C THR B 290 27.19 -20.04 24.59
N SER B 291 26.82 -19.91 23.30
CA SER B 291 27.73 -19.35 22.30
C SER B 291 27.41 -17.97 21.87
N VAL B 292 26.27 -17.41 22.21
CA VAL B 292 25.88 -16.14 21.58
C VAL B 292 25.63 -15.05 22.59
N MET B 293 24.64 -15.22 23.45
CA MET B 293 24.38 -14.20 24.45
C MET B 293 23.41 -14.79 25.46
N PRO B 294 23.51 -14.38 26.71
CA PRO B 294 22.61 -14.91 27.72
C PRO B 294 21.28 -14.15 27.70
N VAL B 295 20.22 -14.73 28.25
CA VAL B 295 18.91 -14.04 28.36
C VAL B 295 18.97 -12.68 28.98
N THR B 296 19.97 -12.44 29.82
CA THR B 296 20.15 -11.16 30.48
C THR B 296 20.70 -10.08 29.58
N ALA B 297 21.28 -10.42 28.41
CA ALA B 297 21.92 -9.39 27.53
C ALA B 297 20.97 -8.31 27.09
N ASP B 298 21.49 -7.08 27.03
CA ASP B 298 20.71 -5.94 26.62
C ASP B 298 20.74 -5.85 25.08
N LEU B 299 19.67 -6.37 24.47
CA LEU B 299 19.63 -6.49 23.01
C LEU B 299 19.31 -5.16 22.45
N LYS B 300 18.64 -4.33 23.22
CA LYS B 300 18.38 -3.00 22.74
C LYS B 300 19.70 -2.22 22.40
N ALA B 301 20.68 -2.34 23.29
CA ALA B 301 22.02 -1.73 23.10
C ALA B 301 22.83 -2.49 22.06
N THR B 302 22.80 -3.83 22.10
CA THR B 302 23.49 -4.61 21.08
C THR B 302 23.01 -4.23 19.68
N TYR B 303 21.70 -4.07 19.52
CA TYR B 303 21.10 -3.76 18.21
C TYR B 303 21.46 -2.35 17.79
N ALA B 304 21.40 -1.40 18.70
CA ALA B 304 21.89 -0.04 18.40
C ALA B 304 23.39 -0.02 18.02
N ASN B 305 24.18 -0.90 18.60
CA ASN B 305 25.60 -0.97 18.22
C ASN B 305 25.79 -1.36 16.76
N ALA B 306 25.14 -2.44 16.30
CA ALA B 306 25.09 -2.84 14.87
C ALA B 306 26.36 -3.52 14.36
N ASN B 307 27.00 -4.30 15.23
CA ASN B 307 28.24 -4.96 14.90
C ASN B 307 28.09 -6.19 13.99
N GLY B 308 28.84 -6.20 12.88
CA GLY B 308 28.70 -7.25 11.92
C GLY B 308 27.23 -7.22 11.50
N ASN B 309 26.70 -8.43 11.35
CA ASN B 309 25.35 -8.67 10.81
C ASN B 309 24.28 -8.83 11.94
N ASP B 310 24.60 -8.29 13.12
CA ASP B 310 23.86 -8.57 14.33
C ASP B 310 22.43 -8.14 14.24
N GLN B 311 22.15 -7.06 13.54
CA GLN B 311 20.77 -6.59 13.43
C GLN B 311 19.90 -7.63 12.73
N SER B 312 20.39 -8.18 11.61
CA SER B 312 19.71 -9.23 10.88
C SER B 312 19.58 -10.48 11.69
N PHE B 313 20.61 -10.85 12.42
CA PHE B 313 20.53 -12.01 13.27
C PHE B 313 19.39 -11.90 14.32
N LEU B 314 19.30 -10.72 14.96
CA LEU B 314 18.34 -10.47 15.99
C LEU B 314 16.94 -10.39 15.35
N GLN B 315 16.77 -9.72 14.23
CA GLN B 315 15.54 -9.81 13.47
C GLN B 315 15.13 -11.27 13.23
N ASP B 316 16.06 -12.10 12.77
CA ASP B 316 15.81 -13.48 12.43
C ASP B 316 15.54 -14.34 13.65
N LEU B 317 16.17 -13.99 14.77
CA LEU B 317 15.87 -14.65 16.04
C LEU B 317 14.41 -14.35 16.54
N ALA B 318 14.02 -13.09 16.51
CA ALA B 318 12.62 -12.74 16.75
C ALA B 318 11.65 -13.56 15.87
N MET B 319 11.99 -13.74 14.61
CA MET B 319 11.14 -14.47 13.70
C MET B 319 11.04 -15.95 14.06
N PHE B 320 12.20 -16.55 14.41
CA PHE B 320 12.25 -17.92 14.81
C PHE B 320 11.49 -18.16 16.09
N LEU B 321 11.69 -17.33 17.06
CA LEU B 321 11.00 -17.52 18.32
C LEU B 321 9.49 -17.38 18.21
N THR B 322 9.05 -16.32 17.56
CA THR B 322 7.63 -16.11 17.43
C THR B 322 7.03 -17.18 16.53
N THR B 323 7.69 -17.55 15.44
CA THR B 323 7.17 -18.63 14.59
C THR B 323 7.02 -19.95 15.34
N TYR B 324 8.07 -20.35 16.04
CA TYR B 324 8.04 -21.62 16.74
C TYR B 324 6.99 -21.65 17.88
N LEU B 325 7.02 -20.62 18.68
CA LEU B 325 6.13 -20.54 19.80
C LEU B 325 4.66 -20.38 19.47
N ALA B 326 4.34 -19.61 18.44
CA ALA B 326 2.91 -19.51 17.98
C ALA B 326 2.34 -20.89 17.62
N ARG B 327 3.19 -21.75 17.09
CA ARG B 327 2.79 -23.08 16.73
C ARG B 327 2.93 -24.14 17.87
N ASN B 328 3.94 -23.98 18.72
CA ASN B 328 4.41 -25.08 19.57
C ASN B 328 4.41 -24.80 21.06
N ARG B 329 3.90 -23.66 21.49
CA ARG B 329 3.93 -23.28 22.90
C ARG B 329 3.28 -24.32 23.83
N ALA B 330 2.13 -24.85 23.43
CA ALA B 330 1.39 -25.84 24.22
C ALA B 330 2.20 -27.12 24.39
N LEU B 331 2.90 -27.51 23.34
CA LEU B 331 3.89 -28.59 23.43
C LEU B 331 4.92 -28.38 24.56
N LEU B 332 5.44 -27.17 24.72
CA LEU B 332 6.41 -26.89 25.80
C LEU B 332 5.79 -26.68 27.17
N GLU B 333 4.48 -26.44 27.18
CA GLU B 333 3.74 -26.16 28.38
C GLU B 333 3.33 -27.53 28.91
N SER B 334 3.25 -28.52 28.02
CA SER B 334 2.69 -29.85 28.35
C SER B 334 3.61 -30.77 29.22
N ASP B 335 4.83 -30.32 29.54
CA ASP B 335 5.77 -31.10 30.35
C ASP B 335 6.56 -30.15 31.24
N GLU B 336 6.56 -30.40 32.54
CA GLU B 336 7.22 -29.48 33.49
C GLU B 336 8.73 -29.44 33.40
N SER B 337 9.35 -30.45 32.81
CA SER B 337 10.79 -30.40 32.60
C SER B 337 11.19 -29.32 31.57
N LEU B 338 10.24 -28.88 30.73
CA LEU B 338 10.46 -27.86 29.71
C LEU B 338 10.22 -26.42 30.14
N ARG B 339 9.90 -26.21 31.42
CA ARG B 339 9.41 -24.92 31.87
C ARG B 339 10.45 -23.84 31.69
N GLU B 340 11.67 -24.17 32.04
CA GLU B 340 12.73 -23.20 31.95
C GLU B 340 13.08 -22.84 30.47
N LEU B 341 13.00 -23.81 29.58
CA LEU B 341 13.17 -23.54 28.15
C LEU B 341 12.05 -22.56 27.71
N LEU B 342 10.82 -22.84 28.15
CA LEU B 342 9.62 -22.04 27.81
C LEU B 342 9.82 -20.61 28.24
N LEU B 343 10.17 -20.44 29.51
CA LEU B 343 10.38 -19.15 30.04
C LEU B 343 11.60 -18.45 29.49
N ASN B 344 12.70 -19.18 29.27
CA ASN B 344 13.88 -18.50 28.71
C ASN B 344 13.59 -17.98 27.30
N ALA B 345 12.84 -18.75 26.55
CA ALA B 345 12.47 -18.36 25.18
C ALA B 345 11.66 -17.08 25.22
N HIS B 346 10.74 -17.02 26.20
CA HIS B 346 9.91 -15.86 26.35
C HIS B 346 10.73 -14.70 26.84
N GLN B 347 11.75 -14.97 27.65
CA GLN B 347 12.58 -13.87 28.16
C GLN B 347 13.45 -13.27 27.08
N TYR B 348 14.03 -14.09 26.21
CA TYR B 348 14.68 -13.53 25.02
C TYR B 348 13.72 -12.65 24.22
N LEU B 349 12.47 -13.09 24.06
CA LEU B 349 11.47 -12.26 23.35
C LEU B 349 11.18 -10.91 23.99
N ILE B 350 11.08 -10.91 25.30
CA ILE B 350 10.99 -9.68 26.06
C ILE B 350 12.16 -8.77 25.77
N GLN B 351 13.38 -9.28 25.80
CA GLN B 351 14.54 -8.46 25.43
C GLN B 351 14.49 -7.93 23.96
N LEU B 352 14.07 -8.80 23.04
CA LEU B 352 13.94 -8.39 21.64
C LEU B 352 12.90 -7.31 21.48
N SER B 353 11.83 -7.37 22.30
CA SER B 353 10.77 -6.41 22.21
C SER B 353 11.19 -5.04 22.62
N LYS B 354 12.33 -4.91 23.26
CA LYS B 354 12.78 -3.60 23.72
C LYS B 354 13.63 -2.91 22.68
N ILE B 355 14.00 -3.62 21.60
CA ILE B 355 14.85 -3.02 20.58
C ILE B 355 14.07 -1.91 19.88
N GLU B 356 14.71 -0.75 19.67
CA GLU B 356 14.11 0.34 18.91
C GLU B 356 14.20 0.03 17.44
N GLU B 357 13.21 -0.71 16.98
CA GLU B 357 13.05 -0.98 15.56
C GLU B 357 11.64 -1.45 15.38
N ARG B 358 10.84 -0.59 14.79
CA ARG B 358 9.42 -0.77 14.76
C ARG B 358 8.98 -2.10 14.14
N GLU B 359 9.60 -2.55 13.04
CA GLU B 359 9.13 -3.72 12.33
C GLU B 359 9.46 -4.97 13.11
N LEU B 360 10.59 -4.92 13.79
CA LEU B 360 10.95 -6.00 14.71
C LEU B 360 9.95 -6.03 15.91
N PHE B 361 9.65 -4.87 16.43
CA PHE B 361 8.65 -4.77 17.49
C PHE B 361 7.28 -5.37 17.11
N LYS B 362 6.79 -5.05 15.92
CA LYS B 362 5.51 -5.56 15.45
C LYS B 362 5.54 -7.04 15.31
N THR B 363 6.66 -7.56 14.88
CA THR B 363 6.78 -9.00 14.81
C THR B 363 6.62 -9.66 16.17
N THR B 364 7.24 -9.13 17.22
CA THR B 364 7.03 -9.70 18.56
C THR B 364 5.58 -9.46 19.08
N LEU B 365 5.03 -8.34 18.70
CA LEU B 365 3.72 -7.94 19.20
C LEU B 365 2.65 -8.87 18.73
N ASP B 366 2.71 -9.30 17.49
CA ASP B 366 1.81 -10.32 16.93
C ASP B 366 1.84 -11.58 17.79
N TYR B 367 3.04 -12.03 18.21
CA TYR B 367 3.14 -13.17 19.12
C TYR B 367 2.59 -12.84 20.51
N TRP B 368 2.90 -11.68 21.04
CA TRP B 368 2.43 -11.42 22.43
C TRP B 368 0.86 -11.40 22.54
N HIS B 369 0.24 -10.87 21.51
CA HIS B 369 -1.21 -10.88 21.27
C HIS B 369 -1.78 -12.29 21.37
N ASN B 370 -1.14 -13.22 20.67
CA ASN B 370 -1.53 -14.63 20.73
C ASN B 370 -1.40 -15.19 22.14
N LEU B 371 -0.34 -14.78 22.83
CA LEU B 371 -0.09 -15.28 24.13
C LEU B 371 -1.08 -14.71 25.13
N VAL B 372 -1.19 -13.38 25.22
CA VAL B 372 -2.08 -12.80 26.24
C VAL B 372 -3.59 -13.16 26.06
N ALA B 373 -4.04 -13.33 24.80
CA ALA B 373 -5.39 -13.83 24.54
C ALA B 373 -5.49 -15.19 25.19
N ASP B 374 -4.53 -16.06 24.91
CA ASP B 374 -4.59 -17.38 25.43
C ASP B 374 -4.57 -17.40 26.99
N LEU B 375 -3.84 -16.50 27.63
CA LEU B 375 -3.87 -16.46 29.10
C LEU B 375 -5.24 -15.96 29.60
N PHE B 376 -5.83 -15.01 28.88
CA PHE B 376 -7.11 -14.49 29.26
C PHE B 376 -8.15 -15.62 29.19
N TYR B 377 -8.11 -16.43 28.14
CA TYR B 377 -9.13 -17.44 27.97
C TYR B 377 -8.89 -18.74 28.70
N GLU B 378 -7.66 -18.97 29.19
CA GLU B 378 -7.31 -20.10 30.06
C GLU B 378 -6.49 -19.61 31.22
N PRO B 379 -7.04 -18.94 32.25
CA PRO B 379 -6.30 -18.21 33.27
C PRO B 379 -5.62 -19.14 34.28
N LEU B 380 -5.84 -20.45 34.23
CA LEU B 380 -5.04 -21.36 35.06
C LEU B 380 -3.54 -21.42 34.64
N LYS B 381 -3.24 -21.04 33.39
CA LYS B 381 -1.86 -21.03 32.82
C LYS B 381 -1.11 -19.79 33.24
N LYS B 382 -1.90 -18.78 33.55
CA LYS B 382 -1.46 -17.44 33.84
C LYS B 382 -0.31 -17.34 34.84
N HIS B 383 -0.27 -18.23 35.84
CA HIS B 383 0.77 -18.15 36.87
C HIS B 383 2.19 -18.39 36.28
N ILE B 384 2.30 -19.23 35.27
CA ILE B 384 3.58 -19.52 34.63
C ILE B 384 4.19 -18.26 34.00
N TYR B 385 3.35 -17.36 33.50
CA TYR B 385 3.83 -16.22 32.74
C TYR B 385 3.76 -14.89 33.48
N GLU B 386 3.51 -14.90 34.78
CA GLU B 386 3.25 -13.67 35.52
C GLU B 386 4.35 -12.65 35.33
N GLU B 387 5.59 -13.11 35.49
CA GLU B 387 6.74 -12.25 35.36
C GLU B 387 6.92 -11.73 33.90
N ILE B 388 6.66 -12.59 32.93
CA ILE B 388 6.72 -12.21 31.51
C ILE B 388 5.69 -11.13 31.27
N CYS B 389 4.47 -11.35 31.78
CA CYS B 389 3.39 -10.36 31.58
C CYS B 389 3.66 -9.04 32.24
N SER B 390 4.24 -9.11 33.42
CA SER B 390 4.62 -7.87 34.09
C SER B 390 5.62 -7.01 33.33
N GLN B 391 6.69 -7.65 32.87
CA GLN B 391 7.68 -6.95 32.03
C GLN B 391 7.01 -6.51 30.72
N LEU B 392 6.08 -7.31 30.20
CA LEU B 392 5.40 -6.94 28.94
C LEU B 392 4.54 -5.67 29.04
N ARG B 393 3.87 -5.45 30.19
CA ARG B 393 3.10 -4.20 30.36
C ARG B 393 4.01 -3.04 30.21
N LEU B 394 5.19 -3.17 30.76
CA LEU B 394 6.11 -2.04 30.74
C LEU B 394 6.61 -1.75 29.31
N VAL B 395 7.01 -2.81 28.64
CA VAL B 395 7.44 -2.69 27.26
C VAL B 395 6.37 -2.02 26.38
N ILE B 396 5.11 -2.47 26.50
CA ILE B 396 4.06 -1.91 25.65
C ILE B 396 3.87 -0.44 26.00
N ILE B 397 3.79 -0.14 27.31
CA ILE B 397 3.53 1.23 27.74
C ILE B 397 4.58 2.18 27.20
N GLU B 398 5.82 1.71 27.23
CA GLU B 398 6.94 2.53 26.80
C GLU B 398 7.06 2.65 25.30
N ASN B 399 6.30 1.85 24.56
CA ASN B 399 6.31 1.92 23.11
C ASN B 399 5.01 2.25 22.41
N MET B 400 4.05 2.79 23.15
CA MET B 400 2.81 3.19 22.55
C MET B 400 3.08 4.22 21.51
N VAL B 401 2.43 4.12 20.38
CA VAL B 401 2.66 5.08 19.30
C VAL B 401 1.42 5.93 19.24
N ARG B 402 1.47 7.01 18.48
CA ARG B 402 0.37 7.96 18.47
C ARG B 402 -0.81 7.40 17.71
N PRO B 403 -1.98 7.55 18.27
CA PRO B 403 -3.16 6.93 17.65
C PRO B 403 -3.83 7.72 16.56
N GLU B 404 -3.41 8.98 16.37
CA GLU B 404 -4.03 9.97 15.50
C GLU B 404 -2.90 10.73 14.81
N GLU B 405 -3.03 10.93 13.51
CA GLU B 405 -1.99 11.58 12.71
C GLU B 405 -2.63 12.47 11.67
N VAL B 406 -2.05 13.64 11.49
CA VAL B 406 -2.66 14.57 10.60
C VAL B 406 -1.70 14.97 9.48
N LEU B 407 -2.22 15.00 8.26
CA LEU B 407 -1.55 15.47 7.04
C LEU B 407 -1.86 16.92 6.69
N VAL B 408 -0.81 17.70 6.44
CA VAL B 408 -0.94 19.11 6.07
C VAL B 408 -0.47 19.32 4.64
N VAL B 409 -1.42 19.67 3.78
CA VAL B 409 -1.24 19.63 2.34
C VAL B 409 -1.70 20.96 1.77
N GLU B 410 -1.22 21.28 0.59
CA GLU B 410 -1.71 22.46 -0.10
C GLU B 410 -2.60 22.00 -1.22
N ASN B 411 -3.85 22.49 -1.34
CA ASN B 411 -4.70 21.99 -2.39
C ASN B 411 -4.44 22.75 -3.68
N ASP B 412 -5.18 22.42 -4.73
CA ASP B 412 -5.09 23.08 -6.03
C ASP B 412 -5.45 24.57 -6.11
N GLU B 413 -6.03 25.15 -5.07
CA GLU B 413 -6.28 26.57 -5.07
C GLU B 413 -5.29 27.24 -4.16
N GLY B 414 -4.26 26.50 -3.76
CA GLY B 414 -3.25 27.06 -2.85
C GLY B 414 -3.59 27.13 -1.37
N GLU B 415 -4.71 26.56 -0.94
CA GLU B 415 -5.05 26.63 0.49
C GLU B 415 -4.42 25.46 1.22
N ILE B 416 -4.07 25.72 2.46
CA ILE B 416 -3.45 24.72 3.31
C ILE B 416 -4.51 23.99 4.10
N VAL B 417 -4.54 22.68 3.99
CA VAL B 417 -5.64 21.86 4.45
C VAL B 417 -5.08 20.72 5.29
N ARG B 418 -5.63 20.58 6.51
CA ARG B 418 -5.31 19.52 7.49
C ARG B 418 -6.25 18.35 7.31
N GLU B 419 -5.74 17.13 7.19
CA GLU B 419 -6.62 15.96 7.16
C GLU B 419 -6.05 14.83 8.05
N PHE B 420 -6.91 14.13 8.77
CA PHE B 420 -6.47 12.98 9.49
C PHE B 420 -6.16 11.82 8.55
N VAL B 421 -5.04 11.17 8.82
CA VAL B 421 -4.68 9.90 8.20
C VAL B 421 -5.62 8.78 8.66
N LYS B 422 -6.09 7.95 7.74
CA LYS B 422 -6.82 6.73 8.14
C LYS B 422 -6.10 5.44 7.77
N GLU B 423 -6.12 4.49 8.69
CA GLU B 423 -5.72 3.12 8.40
C GLU B 423 -4.22 3.00 8.12
N SER B 424 -3.41 3.86 8.73
CA SER B 424 -1.99 3.84 8.48
C SER B 424 -1.30 2.76 9.30
N ASP B 425 -0.02 2.52 9.02
CA ASP B 425 0.68 1.50 9.74
C ASP B 425 0.78 1.89 11.18
N THR B 426 1.12 3.15 11.45
CA THR B 426 1.18 3.69 12.81
C THR B 426 -0.11 3.50 13.62
N ILE B 427 -1.20 3.89 13.01
CA ILE B 427 -2.53 3.74 13.60
C ILE B 427 -2.85 2.29 13.88
N GLN B 428 -2.53 1.42 12.95
CA GLN B 428 -2.79 0.00 13.11
C GLN B 428 -1.90 -0.60 14.22
N LEU B 429 -0.70 -0.09 14.39
CA LEU B 429 0.14 -0.56 15.49
C LEU B 429 -0.44 -0.12 16.84
N TYR B 430 -0.91 1.13 16.91
CA TYR B 430 -1.57 1.61 18.11
C TYR B 430 -2.68 0.62 18.47
N LYS B 431 -3.53 0.30 17.51
CA LYS B 431 -4.61 -0.62 17.77
C LYS B 431 -4.16 -1.98 18.24
N SER B 432 -3.09 -2.51 17.69
CA SER B 432 -2.57 -3.77 18.20
C SER B 432 -2.03 -3.65 19.60
N GLU B 433 -1.32 -2.57 19.86
CA GLU B 433 -0.77 -2.35 21.18
C GLU B 433 -1.90 -2.28 22.19
N ARG B 434 -2.92 -1.50 21.85
CA ARG B 434 -4.05 -1.38 22.73
C ARG B 434 -4.65 -2.74 23.02
N GLU B 435 -4.83 -3.57 22.00
CA GLU B 435 -5.50 -4.84 22.27
C GLU B 435 -4.74 -5.70 23.23
N VAL B 436 -3.43 -5.71 23.09
CA VAL B 436 -2.61 -6.49 23.96
C VAL B 436 -2.70 -5.92 25.36
N LEU B 437 -2.64 -4.59 25.47
CA LEU B 437 -2.62 -3.91 26.75
C LEU B 437 -3.98 -3.99 27.45
N VAL B 438 -5.08 -4.05 26.68
CA VAL B 438 -6.37 -4.33 27.27
C VAL B 438 -6.41 -5.70 27.92
N TYR B 439 -5.87 -6.69 27.25
CA TYR B 439 -5.86 -8.04 27.81
C TYR B 439 -5.00 -8.05 29.06
N LEU B 440 -3.85 -7.42 28.99
CA LEU B 440 -2.92 -7.46 30.12
C LEU B 440 -3.45 -6.72 31.33
N THR B 441 -4.30 -5.71 31.08
CA THR B 441 -4.87 -4.93 32.14
C THR B 441 -5.85 -5.79 32.93
N HIS B 442 -6.62 -6.62 32.24
CA HIS B 442 -7.55 -7.46 32.94
C HIS B 442 -6.81 -8.61 33.60
N LEU B 443 -5.77 -9.13 32.95
CA LEU B 443 -4.95 -10.13 33.59
C LEU B 443 -4.38 -9.67 34.93
N ASN B 444 -4.08 -8.38 35.10
CA ASN B 444 -3.65 -7.87 36.40
C ASN B 444 -3.78 -6.36 36.52
N VAL B 445 -4.88 -5.93 37.06
CA VAL B 445 -5.20 -4.56 36.98
C VAL B 445 -4.39 -3.78 37.99
N ILE B 446 -4.01 -4.40 39.08
CA ILE B 446 -3.21 -3.69 40.11
C ILE B 446 -1.81 -3.43 39.55
N ASP B 447 -1.24 -4.44 38.93
CA ASP B 447 0.07 -4.25 38.31
C ASP B 447 0.05 -3.16 37.22
N THR B 448 -0.96 -3.21 36.36
CA THR B 448 -1.04 -2.20 35.34
C THR B 448 -1.16 -0.79 35.91
N GLU B 449 -2.05 -0.64 36.88
CA GLU B 449 -2.21 0.62 37.53
C GLU B 449 -0.91 1.13 38.15
N GLU B 450 -0.24 0.27 38.91
CA GLU B 450 1.04 0.64 39.52
C GLU B 450 2.04 1.03 38.50
N ILE B 451 2.11 0.29 37.39
CA ILE B 451 3.13 0.60 36.41
C ILE B 451 2.88 2.01 35.89
N MET B 452 1.61 2.37 35.62
CA MET B 452 1.37 3.64 34.95
C MET B 452 1.49 4.80 35.95
N ILE B 453 1.08 4.58 37.20
CA ILE B 453 1.25 5.59 38.22
C ILE B 453 2.73 5.88 38.50
N SER B 454 3.54 4.86 38.68
CA SER B 454 4.93 5.10 38.96
C SER B 454 5.66 5.68 37.76
N LYS B 455 5.22 5.30 36.56
CA LYS B 455 5.72 5.91 35.34
C LYS B 455 5.45 7.43 35.34
N LEU B 456 4.34 7.81 35.92
CA LEU B 456 3.93 9.20 35.94
C LEU B 456 4.69 9.95 37.02
N ALA B 457 4.94 9.27 38.15
CA ALA B 457 5.79 9.79 39.23
C ALA B 457 7.21 10.10 38.73
N ARG B 458 7.64 9.38 37.71
CA ARG B 458 8.97 9.59 37.19
C ARG B 458 9.00 10.69 36.14
N GLN B 459 7.81 11.13 35.72
CA GLN B 459 7.71 12.36 34.97
C GLN B 459 7.79 13.53 35.95
N ILE B 460 7.08 13.39 37.05
CA ILE B 460 7.00 14.43 38.06
C ILE B 460 8.31 14.71 38.81
N ASP B 461 9.03 13.66 39.22
CA ASP B 461 10.35 13.83 39.85
C ASP B 461 11.44 14.16 38.82
N GLY B 462 11.07 14.20 37.55
CA GLY B 462 11.98 14.68 36.51
C GLY B 462 12.94 13.65 35.97
N SER B 463 12.98 12.47 36.59
CA SER B 463 13.97 11.46 36.20
C SER B 463 13.73 10.92 34.78
N GLU B 464 12.48 10.84 34.32
CA GLU B 464 12.24 10.38 32.94
C GLU B 464 11.51 11.41 32.11
N TRP B 465 11.56 12.67 32.54
CA TRP B 465 10.80 13.69 31.86
C TRP B 465 11.28 13.94 30.45
N SER B 466 10.34 13.98 29.51
CA SER B 466 10.56 14.53 28.14
C SER B 466 9.20 14.58 27.43
N TRP B 467 9.14 15.35 26.36
CA TRP B 467 7.90 15.50 25.64
C TRP B 467 7.50 14.12 25.09
N HIS B 468 8.47 13.38 24.55
CA HIS B 468 8.19 12.06 24.04
C HIS B 468 7.64 11.14 25.12
N ASN B 469 8.28 11.11 26.28
CA ASN B 469 7.82 10.17 27.31
C ASN B 469 6.47 10.48 27.91
N ILE B 470 6.12 11.73 28.07
CA ILE B 470 4.84 12.07 28.66
C ILE B 470 3.74 11.82 27.60
N ASN B 471 4.02 12.12 26.34
CA ASN B 471 3.04 11.85 25.27
C ASN B 471 2.77 10.37 25.18
N THR B 472 3.83 9.60 25.22
CA THR B 472 3.74 8.17 25.07
C THR B 472 2.95 7.55 26.21
N LEU B 473 3.25 8.00 27.41
CA LEU B 473 2.54 7.53 28.59
C LEU B 473 1.06 7.95 28.53
N SER B 474 0.79 9.09 27.94
CA SER B 474 -0.57 9.54 27.81
C SER B 474 -1.39 8.66 26.83
N TRP B 475 -0.74 8.24 25.75
CA TRP B 475 -1.37 7.35 24.77
C TRP B 475 -1.61 6.01 25.39
N ALA B 476 -0.68 5.54 26.21
CA ALA B 476 -0.90 4.25 26.89
C ALA B 476 -2.08 4.31 27.85
N ILE B 477 -2.08 5.34 28.68
CA ILE B 477 -3.17 5.52 29.65
C ILE B 477 -4.53 5.71 28.98
N GLY B 478 -4.55 6.49 27.92
CA GLY B 478 -5.76 6.67 27.17
C GLY B 478 -6.29 5.44 26.41
N SER B 479 -5.49 4.39 26.30
CA SER B 479 -5.86 3.23 25.52
C SER B 479 -6.70 2.18 26.30
N ILE B 480 -6.76 2.28 27.64
CA ILE B 480 -7.39 1.23 28.44
C ILE B 480 -8.66 1.68 29.15
N SER B 481 -9.35 2.64 28.54
CA SER B 481 -10.73 2.96 28.93
C SER B 481 -11.63 1.73 28.86
N GLY B 482 -12.45 1.50 29.87
CA GLY B 482 -13.37 0.35 29.87
C GLY B 482 -12.72 -0.97 30.25
N THR B 483 -11.60 -0.92 30.97
CA THR B 483 -10.94 -2.14 31.38
C THR B 483 -11.04 -2.43 32.87
N MET B 484 -11.09 -1.38 33.69
CA MET B 484 -10.76 -1.49 35.13
C MET B 484 -11.98 -1.73 36.03
N SER B 485 -13.18 -1.61 35.44
CA SER B 485 -14.45 -1.51 36.16
C SER B 485 -14.68 -0.02 36.42
N GLU B 486 -15.93 0.40 36.47
CA GLU B 486 -16.19 1.80 36.51
C GLU B 486 -15.55 2.56 37.71
N ASP B 487 -15.59 1.98 38.93
CA ASP B 487 -15.10 2.66 40.15
C ASP B 487 -13.62 2.72 40.23
N THR B 488 -12.94 1.64 39.91
CA THR B 488 -11.48 1.68 39.83
C THR B 488 -11.02 2.66 38.75
N GLU B 489 -11.78 2.75 37.67
CA GLU B 489 -11.42 3.65 36.58
C GLU B 489 -11.51 5.09 37.06
N LYS B 490 -12.61 5.40 37.73
CA LYS B 490 -12.83 6.70 38.29
C LYS B 490 -11.68 7.15 39.14
N ARG B 491 -11.24 6.31 40.07
CA ARG B 491 -10.15 6.67 40.99
C ARG B 491 -8.84 6.81 40.25
N PHE B 492 -8.65 5.97 39.25
CA PHE B 492 -7.41 5.92 38.50
C PHE B 492 -7.31 7.18 37.70
N VAL B 493 -8.39 7.53 37.04
CA VAL B 493 -8.38 8.72 36.19
C VAL B 493 -8.26 10.00 37.01
N VAL B 494 -8.94 10.04 38.17
CA VAL B 494 -8.79 11.20 39.06
C VAL B 494 -7.32 11.33 39.40
N THR B 495 -6.72 10.26 39.91
CA THR B 495 -5.32 10.29 40.23
C THR B 495 -4.43 10.75 39.08
N VAL B 496 -4.64 10.23 37.88
CA VAL B 496 -3.84 10.64 36.73
C VAL B 496 -4.02 12.11 36.46
N ILE B 497 -5.24 12.59 36.38
CA ILE B 497 -5.48 13.97 35.93
C ILE B 497 -4.86 14.93 36.97
N LYS B 498 -4.98 14.59 38.25
CA LYS B 498 -4.43 15.44 39.30
C LYS B 498 -2.93 15.45 39.22
N ASP B 499 -2.36 14.28 38.98
CA ASP B 499 -0.91 14.22 38.83
C ASP B 499 -0.48 15.07 37.66
N LEU B 500 -1.27 15.13 36.57
CA LEU B 500 -0.86 15.90 35.39
C LEU B 500 -1.04 17.40 35.62
N LEU B 501 -2.12 17.75 36.31
CA LEU B 501 -2.35 19.14 36.69
C LEU B 501 -1.21 19.71 37.58
N ASP B 502 -0.76 18.93 38.57
CA ASP B 502 0.48 19.29 39.33
C ASP B 502 1.71 19.32 38.47
N LEU B 503 1.87 18.32 37.65
CA LEU B 503 3.02 18.32 36.75
C LEU B 503 3.06 19.61 35.92
N THR B 504 1.92 20.05 35.40
CA THR B 504 1.87 21.28 34.61
C THR B 504 2.34 22.52 35.40
N VAL B 505 1.83 22.64 36.63
CA VAL B 505 2.21 23.72 37.55
C VAL B 505 3.71 23.67 37.84
N LYS B 506 4.21 22.48 38.14
CA LYS B 506 5.63 22.30 38.44
C LYS B 506 6.59 22.65 37.27
N LYS B 507 6.25 22.31 36.03
CA LYS B 507 7.10 22.63 34.86
C LYS B 507 7.22 24.12 34.53
N ARG B 508 8.46 24.51 34.21
CA ARG B 508 8.79 25.88 33.80
C ARG B 508 8.64 25.99 32.30
N GLY B 509 7.92 27.03 31.85
CA GLY B 509 7.93 27.44 30.45
C GLY B 509 6.67 27.03 29.72
N LYS B 510 6.21 27.90 28.84
CA LYS B 510 5.00 27.70 28.12
C LYS B 510 5.07 26.44 27.24
N ASP B 511 6.21 26.18 26.58
CA ASP B 511 6.36 24.99 25.73
C ASP B 511 6.02 23.76 26.54
N ASN B 512 6.66 23.58 27.69
CA ASN B 512 6.47 22.39 28.52
C ASN B 512 5.07 22.26 29.07
N LYS B 513 4.51 23.37 29.52
CA LYS B 513 3.15 23.38 30.05
C LYS B 513 2.13 23.09 28.97
N ALA B 514 2.39 23.51 27.74
CA ALA B 514 1.44 23.23 26.65
C ALA B 514 1.40 21.74 26.33
N VAL B 515 2.56 21.10 26.41
CA VAL B 515 2.65 19.70 26.14
C VAL B 515 1.84 18.92 27.15
N VAL B 516 2.04 19.23 28.42
CA VAL B 516 1.33 18.51 29.48
C VAL B 516 -0.17 18.82 29.43
N ALA B 517 -0.53 20.07 29.19
CA ALA B 517 -1.94 20.46 29.04
C ALA B 517 -2.62 19.72 27.92
N SER B 518 -1.89 19.52 26.81
CA SER B 518 -2.47 18.82 25.68
C SER B 518 -2.67 17.37 26.02
N ASP B 519 -1.81 16.81 26.86
CA ASP B 519 -1.97 15.44 27.28
C ASP B 519 -3.10 15.25 28.28
N ILE B 520 -3.39 16.29 29.07
CA ILE B 520 -4.57 16.22 29.95
C ILE B 520 -5.82 16.12 29.09
N MET B 521 -5.91 16.98 28.09
CA MET B 521 -7.04 17.00 27.17
C MET B 521 -7.14 15.70 26.36
N TYR B 522 -5.99 15.11 26.04
CA TYR B 522 -5.98 13.84 25.39
C TYR B 522 -6.56 12.75 26.33
N VAL B 523 -6.02 12.62 27.54
CA VAL B 523 -6.52 11.58 28.41
C VAL B 523 -8.02 11.71 28.67
N VAL B 524 -8.51 12.92 28.95
CA VAL B 524 -9.96 13.04 29.24
C VAL B 524 -10.84 12.70 28.06
N GLY B 525 -10.42 13.08 26.85
CA GLY B 525 -11.13 12.67 25.60
C GLY B 525 -11.24 11.17 25.40
N GLN B 526 -10.35 10.42 26.03
CA GLN B 526 -10.31 9.02 25.82
C GLN B 526 -11.14 8.29 26.88
N TYR B 527 -11.75 9.02 27.82
CA TYR B 527 -12.53 8.33 28.87
C TYR B 527 -13.92 8.88 28.92
N PRO B 528 -14.76 8.59 27.88
CA PRO B 528 -16.10 9.19 27.82
C PRO B 528 -17.08 8.68 28.89
N ARG B 529 -16.93 7.46 29.38
CA ARG B 529 -17.71 7.09 30.55
C ARG B 529 -17.42 8.01 31.78
N PHE B 530 -16.17 8.24 32.08
CA PHE B 530 -15.80 9.15 33.16
C PHE B 530 -16.34 10.56 32.92
N LEU B 531 -16.22 11.08 31.69
CA LEU B 531 -16.76 12.42 31.33
C LEU B 531 -18.25 12.57 31.46
N LYS B 532 -18.96 11.60 30.94
CA LYS B 532 -20.42 11.65 30.97
C LYS B 532 -21.02 11.48 32.35
N ALA B 533 -20.26 10.98 33.30
CA ALA B 533 -20.84 10.65 34.58
C ALA B 533 -21.04 11.95 35.35
N HIS B 534 -20.24 12.99 35.07
CA HIS B 534 -20.33 14.22 35.88
C HIS B 534 -20.33 15.46 35.00
N TRP B 535 -21.51 16.00 34.81
CA TRP B 535 -21.74 17.10 33.88
C TRP B 535 -20.83 18.30 34.18
N ASN B 536 -20.71 18.56 35.46
CA ASN B 536 -19.94 19.69 35.95
C ASN B 536 -18.49 19.61 35.49
N PHE B 537 -17.91 18.42 35.56
CA PHE B 537 -16.55 18.18 35.08
C PHE B 537 -16.45 18.32 33.56
N LEU B 538 -17.40 17.71 32.87
CA LEU B 538 -17.44 17.80 31.41
C LEU B 538 -17.52 19.23 30.96
N ARG B 539 -18.43 19.97 31.58
CA ARG B 539 -18.62 21.35 31.27
C ARG B 539 -17.38 22.18 31.53
N THR B 540 -16.62 21.85 32.58
CA THR B 540 -15.36 22.51 32.83
C THR B 540 -14.33 22.21 31.74
N VAL B 541 -14.30 20.97 31.30
CA VAL B 541 -13.40 20.58 30.19
C VAL B 541 -13.70 21.44 28.99
N ILE B 542 -14.97 21.56 28.64
CA ILE B 542 -15.31 22.28 27.44
C ILE B 542 -14.91 23.75 27.54
N LEU B 543 -15.24 24.38 28.67
CA LEU B 543 -14.89 25.78 28.93
C LEU B 543 -13.40 26.00 28.93
N LYS B 544 -12.64 25.04 29.45
CA LYS B 544 -11.18 25.08 29.32
C LYS B 544 -10.70 25.02 27.86
N LEU B 545 -11.30 24.14 27.06
CA LEU B 545 -10.97 24.10 25.63
C LEU B 545 -11.26 25.39 24.96
N PHE B 546 -12.38 26.01 25.29
CA PHE B 546 -12.71 27.33 24.75
C PHE B 546 -11.68 28.41 25.13
N GLU B 547 -11.16 28.35 26.34
CA GLU B 547 -10.04 29.22 26.75
C GLU B 547 -8.86 28.98 25.82
N PHE B 548 -8.50 27.72 25.59
CA PHE B 548 -7.40 27.39 24.70
C PHE B 548 -7.58 27.83 23.24
N MET B 549 -8.81 28.07 22.81
CA MET B 549 -9.02 28.56 21.46
C MET B 549 -8.60 30.01 21.25
N HIS B 550 -8.19 30.67 22.36
CA HIS B 550 -7.58 32.02 22.28
C HIS B 550 -6.05 32.00 22.40
N GLU B 551 -5.47 30.83 22.69
CA GLU B 551 -4.05 30.66 22.88
C GLU B 551 -3.29 30.47 21.56
N THR B 552 -2.34 31.37 21.31
CA THR B 552 -1.67 31.48 20.02
C THR B 552 -0.47 30.59 19.93
N HIS B 553 -0.01 30.03 21.06
CA HIS B 553 1.07 29.04 21.05
C HIS B 553 0.77 27.92 20.04
N GLU B 554 1.82 27.55 19.30
CA GLU B 554 1.76 26.63 18.19
C GLU B 554 1.09 25.34 18.56
N GLY B 555 0.05 25.01 17.82
CA GLY B 555 -0.63 23.72 17.95
C GLY B 555 -1.82 23.70 18.93
N VAL B 556 -1.92 24.70 19.81
CA VAL B 556 -2.89 24.62 20.91
C VAL B 556 -4.33 24.83 20.44
N GLN B 557 -4.53 25.75 19.54
CA GLN B 557 -5.84 25.98 19.01
C GLN B 557 -6.35 24.77 18.23
N ASP B 558 -5.46 24.11 17.48
CA ASP B 558 -5.84 22.90 16.71
C ASP B 558 -6.16 21.78 17.68
N MET B 559 -5.31 21.61 18.71
CA MET B 559 -5.58 20.66 19.79
C MET B 559 -6.94 20.91 20.46
N ALA B 560 -7.24 22.17 20.70
CA ALA B 560 -8.48 22.55 21.37
C ALA B 560 -9.67 22.21 20.49
N CYS B 561 -9.63 22.59 19.21
CA CYS B 561 -10.71 22.27 18.28
C CYS B 561 -10.89 20.77 18.05
N ASP B 562 -9.77 20.04 17.95
CA ASP B 562 -9.84 18.60 17.69
C ASP B 562 -10.45 17.91 18.90
N THR B 563 -10.11 18.37 20.11
CA THR B 563 -10.63 17.73 21.32
C THR B 563 -12.11 18.06 21.49
N PHE B 564 -12.49 19.30 21.15
CA PHE B 564 -13.89 19.71 21.24
C PHE B 564 -14.73 18.74 20.39
N ILE B 565 -14.37 18.54 19.14
CA ILE B 565 -15.20 17.72 18.29
C ILE B 565 -15.09 16.26 18.70
N LYS B 566 -13.95 15.82 19.15
CA LYS B 566 -13.84 14.46 19.60
C LYS B 566 -14.79 14.19 20.79
N ILE B 567 -14.75 15.05 21.80
CA ILE B 567 -15.62 14.93 22.95
C ILE B 567 -17.09 15.04 22.59
N VAL B 568 -17.49 15.95 21.69
CA VAL B 568 -18.91 16.02 21.43
C VAL B 568 -19.39 14.82 20.63
N GLN B 569 -18.52 14.19 19.87
CA GLN B 569 -18.92 12.98 19.10
C GLN B 569 -19.40 11.95 20.07
N LYS B 570 -18.75 11.90 21.22
CA LYS B 570 -19.09 10.93 22.23
C LYS B 570 -20.08 11.40 23.25
N CYS B 571 -20.17 12.69 23.55
CA CYS B 571 -20.97 13.11 24.72
C CYS B 571 -22.11 14.07 24.31
N LYS B 572 -22.47 14.09 23.05
CA LYS B 572 -23.38 15.10 22.48
C LYS B 572 -24.70 15.26 23.20
N TYR B 573 -25.23 14.16 23.68
CA TYR B 573 -26.49 14.18 24.40
C TYR B 573 -26.49 15.14 25.56
N HIS B 574 -25.36 15.24 26.24
CA HIS B 574 -25.26 16.08 27.42
C HIS B 574 -25.29 17.56 27.15
N PHE B 575 -25.07 17.95 25.89
CA PHE B 575 -25.15 19.31 25.43
C PHE B 575 -26.51 19.73 24.97
N VAL B 576 -27.39 18.79 24.57
CA VAL B 576 -28.71 19.17 24.10
C VAL B 576 -29.79 19.14 25.15
N ILE B 577 -29.60 18.44 26.25
CA ILE B 577 -30.61 18.40 27.29
C ILE B 577 -30.33 19.55 28.19
N GLN B 578 -31.36 19.94 28.92
CA GLN B 578 -31.17 20.86 30.01
C GLN B 578 -30.79 20.05 31.22
N GLN B 579 -29.59 20.33 31.73
CA GLN B 579 -29.01 19.64 32.85
C GLN B 579 -29.60 20.16 34.16
N PRO B 580 -29.68 19.29 35.19
CA PRO B 580 -30.06 19.72 36.53
C PRO B 580 -29.23 20.93 36.93
N ARG B 581 -29.87 21.96 37.49
CA ARG B 581 -29.19 23.19 37.97
C ARG B 581 -28.81 24.25 36.92
N GLU B 582 -28.97 23.96 35.63
CA GLU B 582 -28.78 24.95 34.56
C GLU B 582 -30.10 25.50 34.02
N SER B 583 -30.08 26.72 33.55
CA SER B 583 -31.26 27.35 33.00
C SER B 583 -31.58 26.92 31.57
N GLU B 584 -30.60 26.35 30.86
CA GLU B 584 -30.72 26.09 29.42
C GLU B 584 -29.81 24.94 28.97
N PRO B 585 -30.14 24.30 27.85
CA PRO B 585 -29.17 23.37 27.24
C PRO B 585 -27.89 24.07 26.85
N PHE B 586 -26.78 23.40 27.08
CA PHE B 586 -25.51 24.03 26.91
C PHE B 586 -25.25 24.45 25.45
N ILE B 587 -25.87 23.74 24.51
CA ILE B 587 -25.78 24.16 23.10
C ILE B 587 -26.26 25.62 22.86
N GLN B 588 -27.27 26.06 23.61
CA GLN B 588 -27.72 27.46 23.54
C GLN B 588 -26.64 28.43 24.00
N THR B 589 -25.99 28.09 25.09
CA THR B 589 -24.86 28.86 25.58
C THR B 589 -23.69 28.94 24.59
N ILE B 590 -23.35 27.81 23.98
CA ILE B 590 -22.29 27.78 22.98
C ILE B 590 -22.62 28.66 21.81
N ILE B 591 -23.82 28.45 21.24
CA ILE B 591 -24.21 29.23 20.11
C ILE B 591 -24.17 30.73 20.42
N ARG B 592 -24.68 31.12 21.59
CA ARG B 592 -24.76 32.51 21.91
C ARG B 592 -23.38 33.14 21.97
N ASP B 593 -22.37 32.49 22.52
CA ASP B 593 -21.06 33.15 22.62
C ASP B 593 -20.14 32.75 21.52
N ILE B 594 -20.69 32.30 20.40
CA ILE B 594 -19.88 31.68 19.38
C ILE B 594 -18.90 32.68 18.77
N GLN B 595 -19.33 33.92 18.64
CA GLN B 595 -18.46 34.91 18.00
C GLN B 595 -17.28 35.18 18.90
N LYS B 596 -17.54 35.34 20.18
CA LYS B 596 -16.46 35.60 21.13
C LYS B 596 -15.60 34.36 21.21
N THR B 597 -16.23 33.17 21.34
CA THR B 597 -15.40 32.00 21.52
C THR B 597 -14.42 31.78 20.37
N THR B 598 -14.83 32.08 19.15
CA THR B 598 -14.02 31.74 17.94
C THR B 598 -13.16 32.87 17.38
N ALA B 599 -13.26 34.05 17.99
CA ALA B 599 -12.68 35.29 17.37
C ALA B 599 -11.23 35.14 16.97
N ASP B 600 -10.45 34.38 17.72
CA ASP B 600 -9.00 34.24 17.44
C ASP B 600 -8.59 33.02 16.66
N LEU B 601 -9.58 32.19 16.30
CA LEU B 601 -9.32 30.97 15.52
C LEU B 601 -9.07 31.32 14.05
N GLN B 602 -8.24 30.55 13.39
CA GLN B 602 -8.20 30.60 11.91
C GLN B 602 -9.51 30.02 11.31
N PRO B 603 -9.86 30.40 10.08
CA PRO B 603 -11.13 30.00 9.44
C PRO B 603 -11.46 28.49 9.50
N GLN B 604 -10.50 27.67 9.09
CA GLN B 604 -10.56 26.21 9.16
C GLN B 604 -10.95 25.74 10.57
N GLN B 605 -10.39 26.41 11.58
CA GLN B 605 -10.69 26.04 12.95
C GLN B 605 -12.11 26.46 13.30
N VAL B 606 -12.49 27.64 12.83
CA VAL B 606 -13.86 28.12 13.03
C VAL B 606 -14.84 27.09 12.44
N HIS B 607 -14.51 26.55 11.27
CA HIS B 607 -15.39 25.60 10.58
C HIS B 607 -15.51 24.31 11.36
N THR B 608 -14.39 23.85 11.91
CA THR B 608 -14.45 22.71 12.79
C THR B 608 -15.39 22.99 13.95
N PHE B 609 -15.31 24.19 14.53
CA PHE B 609 -16.17 24.52 15.65
C PHE B 609 -17.65 24.44 15.26
N TYR B 610 -17.99 25.04 14.13
CA TYR B 610 -19.36 24.99 13.62
C TYR B 610 -19.80 23.53 13.35
N LYS B 611 -18.91 22.69 12.84
CA LYS B 611 -19.18 21.27 12.63
C LYS B 611 -19.48 20.59 13.96
N ALA B 612 -18.73 20.91 14.99
CA ALA B 612 -19.00 20.36 16.28
C ALA B 612 -20.40 20.74 16.80
N CYS B 613 -20.79 21.97 16.56
CA CYS B 613 -22.10 22.42 16.95
C CYS B 613 -23.23 21.66 16.24
N GLY B 614 -23.02 21.37 14.96
CA GLY B 614 -23.98 20.65 14.22
C GLY B 614 -24.10 19.22 14.69
N ILE B 615 -23.01 18.62 15.16
CA ILE B 615 -23.14 17.28 15.74
C ILE B 615 -24.18 17.32 16.87
N ILE B 616 -24.03 18.30 17.75
CA ILE B 616 -24.89 18.41 18.93
C ILE B 616 -26.31 18.64 18.55
N ILE B 617 -26.50 19.56 17.62
CA ILE B 617 -27.85 19.93 17.22
C ILE B 617 -28.63 18.76 16.58
N SER B 618 -27.95 17.87 15.90
CA SER B 618 -28.63 16.71 15.26
C SER B 618 -29.20 15.76 16.30
N GLU B 619 -28.70 15.90 17.53
CA GLU B 619 -29.14 15.12 18.64
C GLU B 619 -30.48 15.63 19.17
N GLU B 620 -30.89 16.83 18.78
CA GLU B 620 -32.17 17.39 19.19
C GLU B 620 -33.35 16.67 18.50
N ARG B 621 -34.13 15.96 19.29
CA ARG B 621 -35.17 15.09 18.80
C ARG B 621 -36.34 15.83 18.19
N SER B 622 -36.68 17.03 18.68
CA SER B 622 -37.82 17.73 18.08
C SER B 622 -37.41 18.68 16.94
N VAL B 623 -38.15 18.60 15.84
CA VAL B 623 -37.76 19.20 14.58
C VAL B 623 -37.82 20.71 14.61
N ALA B 624 -38.89 21.26 15.23
CA ALA B 624 -39.08 22.70 15.36
C ALA B 624 -37.91 23.27 16.16
N GLU B 625 -37.56 22.59 17.25
CA GLU B 625 -36.48 23.05 18.11
C GLU B 625 -35.09 22.89 17.42
N ARG B 626 -34.92 21.81 16.68
CA ARG B 626 -33.69 21.59 15.98
C ARG B 626 -33.50 22.60 14.86
N ASN B 627 -34.54 22.83 14.09
CA ASN B 627 -34.48 23.89 13.07
C ASN B 627 -34.18 25.26 13.67
N ARG B 628 -34.71 25.49 14.86
CA ARG B 628 -34.51 26.76 15.50
C ARG B 628 -33.03 26.90 15.85
N LEU B 629 -32.47 25.86 16.50
CA LEU B 629 -31.04 25.81 16.87
C LEU B 629 -30.18 26.01 15.65
N LEU B 630 -30.54 25.35 14.57
CA LEU B 630 -29.77 25.45 13.34
C LEU B 630 -29.76 26.91 12.87
N SER B 631 -30.92 27.54 12.95
CA SER B 631 -31.10 28.91 12.50
C SER B 631 -30.26 29.83 13.32
N ASP B 632 -30.34 29.66 14.63
CA ASP B 632 -29.47 30.42 15.49
C ASP B 632 -27.98 30.19 15.19
N LEU B 633 -27.58 28.92 15.00
CA LEU B 633 -26.17 28.59 14.77
C LEU B 633 -25.67 29.35 13.57
N MET B 634 -26.53 29.42 12.56
CA MET B 634 -26.13 29.96 11.30
C MET B 634 -26.32 31.50 11.16
N GLN B 635 -26.75 32.15 12.23
CA GLN B 635 -27.04 33.57 12.18
C GLN B 635 -25.87 34.41 11.63
N LEU B 636 -24.64 34.17 12.09
CA LEU B 636 -23.54 35.00 11.60
C LEU B 636 -23.24 34.80 10.10
N PRO B 637 -23.01 33.54 9.66
CA PRO B 637 -22.83 33.38 8.19
C PRO B 637 -24.05 33.77 7.35
N ASN B 638 -25.24 33.66 7.88
CA ASN B 638 -26.40 34.10 7.11
C ASN B 638 -26.48 35.62 6.98
N MET B 639 -26.06 36.31 8.03
CA MET B 639 -26.06 37.77 8.05
C MET B 639 -25.07 38.21 6.97
N ALA B 640 -23.87 37.66 7.00
CA ALA B 640 -22.90 38.02 5.98
C ALA B 640 -23.41 37.66 4.55
N TRP B 641 -24.02 36.51 4.44
CA TRP B 641 -24.50 36.04 3.15
C TRP B 641 -25.52 37.04 2.59
N ASP B 642 -26.53 37.34 3.42
CA ASP B 642 -27.64 38.24 3.07
C ASP B 642 -27.24 39.65 2.77
N THR B 643 -26.06 40.08 3.18
CA THR B 643 -25.60 41.42 2.88
C THR B 643 -24.67 41.50 1.67
N ILE B 644 -24.02 40.40 1.30
CA ILE B 644 -22.99 40.40 0.28
C ILE B 644 -23.34 39.69 -1.02
N VAL B 645 -24.01 38.55 -0.93
CA VAL B 645 -23.91 37.60 -2.05
C VAL B 645 -24.77 37.98 -3.26
N GLU B 646 -26.02 38.31 -3.00
CA GLU B 646 -26.89 38.66 -4.10
C GLU B 646 -26.34 39.92 -4.80
N GLN B 647 -25.96 40.90 -3.98
CA GLN B 647 -25.40 42.15 -4.45
C GLN B 647 -24.21 41.86 -5.33
N SER B 648 -23.28 41.02 -4.84
CA SER B 648 -22.07 40.71 -5.60
C SER B 648 -22.41 39.92 -6.89
N THR B 649 -23.51 39.19 -6.90
CA THR B 649 -23.84 38.36 -8.06
C THR B 649 -24.54 39.24 -9.16
N ALA B 650 -25.31 40.24 -8.77
CA ALA B 650 -25.88 41.13 -9.76
C ALA B 650 -24.83 42.10 -10.39
N ASN B 651 -23.71 42.38 -9.71
CA ASN B 651 -22.55 43.07 -10.32
C ASN B 651 -21.24 42.35 -10.05
N PRO B 652 -20.97 41.31 -10.84
CA PRO B 652 -19.83 40.43 -10.61
C PRO B 652 -18.46 41.17 -10.57
N THR B 653 -18.44 42.45 -10.95
CA THR B 653 -17.35 43.37 -10.62
C THR B 653 -17.06 43.61 -9.09
N LEU B 654 -18.02 43.32 -8.20
CA LEU B 654 -17.74 43.25 -6.75
C LEU B 654 -16.92 42.01 -6.26
N LEU B 655 -16.82 40.98 -7.09
CA LEU B 655 -16.02 39.80 -6.81
C LEU B 655 -14.58 39.92 -7.29
N LEU B 656 -14.24 41.04 -7.90
CA LEU B 656 -12.85 41.31 -8.27
C LEU B 656 -12.14 41.70 -6.97
N ASP B 657 -12.93 41.97 -5.93
CA ASP B 657 -12.36 42.15 -4.64
C ASP B 657 -12.04 40.75 -4.11
N SER B 658 -10.74 40.49 -3.98
CA SER B 658 -10.23 39.25 -3.39
C SER B 658 -10.67 39.12 -1.91
N GLU B 659 -10.90 40.24 -1.27
CA GLU B 659 -11.37 40.21 0.08
C GLU B 659 -12.85 39.75 0.11
N THR B 660 -13.65 40.14 -0.88
CA THR B 660 -15.03 39.69 -0.89
C THR B 660 -15.13 38.17 -1.20
N VAL B 661 -14.29 37.73 -2.12
CA VAL B 661 -14.19 36.33 -2.51
C VAL B 661 -13.83 35.46 -1.32
N LYS B 662 -12.85 35.90 -0.57
CA LYS B 662 -12.47 35.30 0.68
C LYS B 662 -13.64 35.20 1.66
N ILE B 663 -14.36 36.28 1.87
CA ILE B 663 -15.47 36.23 2.80
C ILE B 663 -16.56 35.26 2.33
N ILE B 664 -16.86 35.28 1.03
CA ILE B 664 -17.85 34.37 0.50
C ILE B 664 -17.39 32.89 0.63
N ALA B 665 -16.12 32.60 0.27
CA ALA B 665 -15.59 31.24 0.40
C ALA B 665 -15.83 30.70 1.83
N ASN B 666 -15.52 31.52 2.80
CA ASN B 666 -15.64 31.11 4.16
C ASN B 666 -17.03 30.91 4.67
N ILE B 667 -17.98 31.69 4.15
CA ILE B 667 -19.35 31.43 4.41
C ILE B 667 -19.72 30.04 3.87
N ILE B 668 -19.31 29.72 2.64
CA ILE B 668 -19.81 28.48 2.02
C ILE B 668 -19.18 27.34 2.81
N LYS B 669 -17.92 27.49 3.20
CA LYS B 669 -17.24 26.42 3.92
C LYS B 669 -17.85 26.20 5.29
N THR B 670 -18.43 27.25 5.87
CA THR B 670 -19.12 27.14 7.13
C THR B 670 -20.37 26.27 6.94
N ASN B 671 -21.11 26.51 5.86
CA ASN B 671 -22.25 25.69 5.54
C ASN B 671 -21.82 24.23 5.30
N VAL B 672 -20.76 24.04 4.51
CA VAL B 672 -20.25 22.70 4.26
C VAL B 672 -19.94 21.96 5.56
N ALA B 673 -19.27 22.64 6.48
CA ALA B 673 -18.91 22.02 7.76
C ALA B 673 -20.15 21.57 8.52
N VAL B 674 -21.18 22.41 8.52
CA VAL B 674 -22.38 22.14 9.34
C VAL B 674 -23.20 21.00 8.67
N CYS B 675 -23.20 21.02 7.35
CA CYS B 675 -23.91 20.05 6.58
C CYS B 675 -23.28 18.66 6.75
N THR B 676 -21.95 18.62 6.85
CA THR B 676 -21.22 17.39 6.99
C THR B 676 -21.68 16.68 8.25
N SER B 677 -21.83 17.40 9.34
CA SER B 677 -22.24 16.75 10.55
C SER B 677 -23.77 16.60 10.66
N MET B 678 -24.57 17.46 10.06
CA MET B 678 -26.03 17.40 10.27
C MET B 678 -26.78 16.59 9.20
N GLY B 679 -26.12 16.43 8.06
CA GLY B 679 -26.66 15.81 6.88
C GLY B 679 -28.09 16.18 6.54
N ALA B 680 -28.98 15.20 6.67
CA ALA B 680 -30.40 15.35 6.33
C ALA B 680 -31.07 16.49 7.06
N ASP B 681 -30.62 16.75 8.30
CA ASP B 681 -31.18 17.79 9.14
C ASP B 681 -30.77 19.21 8.71
N PHE B 682 -29.90 19.33 7.71
CA PHE B 682 -29.37 20.62 7.23
C PHE B 682 -30.31 21.24 6.22
N TYR B 683 -31.26 20.44 5.70
CA TYR B 683 -32.14 20.92 4.63
C TYR B 683 -32.61 22.34 4.72
N PRO B 684 -33.08 22.80 5.90
CA PRO B 684 -33.68 24.13 5.88
C PRO B 684 -32.68 25.22 5.62
N GLN B 685 -31.45 25.03 6.10
CA GLN B 685 -30.40 26.02 5.90
C GLN B 685 -29.95 25.99 4.46
N LEU B 686 -29.80 24.80 3.89
CA LEU B 686 -29.51 24.73 2.45
C LEU B 686 -30.59 25.49 1.63
N GLY B 687 -31.85 25.25 1.95
CA GLY B 687 -32.98 25.89 1.26
C GLY B 687 -32.90 27.40 1.39
N HIS B 688 -32.45 27.88 2.54
CA HIS B 688 -32.37 29.30 2.75
C HIS B 688 -31.44 29.96 1.72
N ILE B 689 -30.30 29.34 1.39
CA ILE B 689 -29.32 30.00 0.50
C ILE B 689 -29.31 29.47 -0.92
N TYR B 690 -30.12 28.44 -1.20
CA TYR B 690 -29.95 27.65 -2.41
C TYR B 690 -30.00 28.40 -3.72
N TYR B 691 -31.07 29.16 -3.93
CA TYR B 691 -31.21 29.85 -5.22
C TYR B 691 -30.14 30.91 -5.42
N ASN B 692 -29.78 31.64 -4.39
CA ASN B 692 -28.73 32.67 -4.57
C ASN B 692 -27.35 31.99 -4.67
N MET B 693 -27.24 30.77 -4.13
CA MET B 693 -25.97 30.07 -4.19
C MET B 693 -25.71 29.63 -5.60
N LEU B 694 -26.75 29.18 -6.26
CA LEU B 694 -26.68 28.76 -7.66
C LEU B 694 -26.45 29.92 -8.65
N GLN B 695 -26.98 31.10 -8.33
CA GLN B 695 -26.68 32.32 -9.13
C GLN B 695 -25.21 32.66 -8.90
N LEU B 696 -24.74 32.58 -7.67
CA LEU B 696 -23.33 32.77 -7.40
C LEU B 696 -22.45 31.79 -8.16
N TYR B 697 -22.74 30.50 -8.08
CA TYR B 697 -21.99 29.53 -8.90
C TYR B 697 -21.83 29.94 -10.37
N ARG B 698 -22.92 30.33 -11.00
CA ARG B 698 -22.87 30.77 -12.41
C ARG B 698 -21.99 31.95 -12.59
N ALA B 699 -22.13 32.95 -11.71
CA ALA B 699 -21.31 34.18 -11.92
C ALA B 699 -19.82 33.85 -11.75
N VAL B 700 -19.44 33.07 -10.72
CA VAL B 700 -17.98 32.77 -10.63
C VAL B 700 -17.48 31.88 -11.79
N SER B 701 -18.35 31.02 -12.30
CA SER B 701 -17.87 30.04 -13.27
C SER B 701 -17.63 30.75 -14.59
N SER B 702 -18.55 31.66 -14.91
CA SER B 702 -18.38 32.58 -16.06
C SER B 702 -17.12 33.39 -16.03
N MET B 703 -16.85 34.05 -14.90
CA MET B 703 -15.63 34.84 -14.78
C MET B 703 -14.39 33.99 -14.96
N ILE B 704 -14.38 32.79 -14.38
CA ILE B 704 -13.19 31.94 -14.47
C ILE B 704 -12.96 31.54 -15.90
N SER B 705 -14.01 31.04 -16.55
CA SER B 705 -13.94 30.65 -17.97
C SER B 705 -13.54 31.81 -18.88
N ALA B 706 -14.12 32.99 -18.62
CA ALA B 706 -13.81 34.19 -19.39
C ALA B 706 -12.32 34.46 -19.38
N GLN B 707 -11.71 34.38 -18.20
CA GLN B 707 -10.34 34.76 -18.08
C GLN B 707 -9.38 33.71 -18.61
N VAL B 708 -9.79 32.45 -18.53
CA VAL B 708 -8.97 31.35 -18.95
C VAL B 708 -8.95 31.30 -20.47
N ALA B 709 -10.12 31.54 -21.05
CA ALA B 709 -10.25 31.71 -22.49
C ALA B 709 -9.27 32.77 -23.00
N ALA B 710 -9.26 33.93 -22.35
CA ALA B 710 -8.43 35.05 -22.81
C ALA B 710 -6.96 34.86 -22.49
N GLU B 711 -6.62 34.29 -21.33
CA GLU B 711 -5.22 34.21 -20.93
C GLU B 711 -4.60 32.83 -21.03
N GLY B 712 -5.44 31.81 -21.25
CA GLY B 712 -4.99 30.42 -21.25
C GLY B 712 -4.70 29.83 -19.86
N LEU B 713 -3.92 28.75 -19.89
CA LEU B 713 -3.72 27.86 -18.77
C LEU B 713 -3.19 28.58 -17.57
N ILE B 714 -2.22 29.45 -17.76
CA ILE B 714 -1.63 30.12 -16.61
C ILE B 714 -2.61 30.96 -15.81
N ALA B 715 -3.74 31.36 -16.40
CA ALA B 715 -4.77 32.06 -15.64
C ALA B 715 -5.27 31.19 -14.50
N THR B 716 -5.28 29.88 -14.69
CA THR B 716 -5.71 28.97 -13.60
C THR B 716 -4.84 29.01 -12.34
N LYS B 717 -3.58 29.41 -12.44
CA LYS B 717 -2.78 29.54 -11.22
C LYS B 717 -2.90 30.89 -10.50
N THR B 718 -3.62 31.87 -11.05
CA THR B 718 -3.60 33.22 -10.46
C THR B 718 -4.36 33.30 -9.13
N PRO B 719 -3.92 34.18 -8.22
CA PRO B 719 -4.64 34.33 -6.97
C PRO B 719 -6.13 34.54 -7.18
N LYS B 720 -6.47 35.30 -8.21
CA LYS B 720 -7.84 35.63 -8.54
C LYS B 720 -8.67 34.37 -8.92
N VAL B 721 -8.18 33.62 -9.91
CA VAL B 721 -8.91 32.49 -10.37
C VAL B 721 -8.97 31.40 -9.28
N ARG B 722 -7.90 31.24 -8.50
CA ARG B 722 -7.96 30.28 -7.39
C ARG B 722 -9.08 30.59 -6.35
N GLY B 723 -9.24 31.86 -5.99
CA GLY B 723 -10.22 32.27 -5.00
C GLY B 723 -11.62 31.97 -5.54
N LEU B 724 -11.80 32.25 -6.82
CA LEU B 724 -13.07 32.00 -7.47
C LEU B 724 -13.37 30.50 -7.60
N ARG B 725 -12.38 29.72 -8.00
CA ARG B 725 -12.52 28.28 -8.09
C ARG B 725 -12.84 27.68 -6.72
N THR B 726 -12.33 28.26 -5.65
CA THR B 726 -12.68 27.82 -4.30
C THR B 726 -14.19 27.94 -4.03
N ILE B 727 -14.78 29.06 -4.43
CA ILE B 727 -16.20 29.30 -4.22
C ILE B 727 -16.91 28.24 -5.03
N LYS B 728 -16.44 28.04 -6.24
CA LYS B 728 -17.10 27.13 -7.14
C LYS B 728 -17.11 25.69 -6.63
N LYS B 729 -15.94 25.24 -6.19
CA LYS B 729 -15.80 23.92 -5.67
C LYS B 729 -16.47 23.73 -4.36
N GLU B 730 -16.54 24.75 -3.51
CA GLU B 730 -17.26 24.56 -2.24
C GLU B 730 -18.75 24.44 -2.38
N ILE B 731 -19.31 25.17 -3.36
CA ILE B 731 -20.70 25.08 -3.67
C ILE B 731 -21.04 23.66 -4.11
N LEU B 732 -20.21 23.10 -4.99
CA LEU B 732 -20.37 21.72 -5.47
C LEU B 732 -20.21 20.75 -4.28
N LYS B 733 -19.26 21.04 -3.40
CA LYS B 733 -19.08 20.23 -2.22
C LYS B 733 -20.33 20.24 -1.29
N LEU B 734 -20.92 21.42 -1.11
CA LEU B 734 -22.06 21.53 -0.21
C LEU B 734 -23.26 20.77 -0.77
N VAL B 735 -23.51 20.92 -2.06
CA VAL B 735 -24.63 20.22 -2.66
C VAL B 735 -24.39 18.68 -2.66
N GLU B 736 -23.17 18.26 -2.99
CA GLU B 736 -22.77 16.86 -2.99
C GLU B 736 -22.91 16.25 -1.59
N THR B 737 -22.52 17.02 -0.57
CA THR B 737 -22.50 16.52 0.77
C THR B 737 -23.91 16.34 1.26
N TYR B 738 -24.75 17.34 1.03
CA TYR B 738 -26.16 17.21 1.36
C TYR B 738 -26.88 16.05 0.61
N ILE B 739 -26.79 16.03 -0.71
CA ILE B 739 -27.46 14.98 -1.44
C ILE B 739 -26.99 13.60 -1.00
N SER B 740 -25.71 13.42 -0.71
CA SER B 740 -25.22 12.12 -0.32
C SER B 740 -25.81 11.68 1.02
N LYS B 741 -26.26 12.61 1.86
CA LYS B 741 -26.81 12.23 3.16
C LYS B 741 -28.29 12.46 3.27
N ALA B 742 -28.91 12.93 2.20
CA ALA B 742 -30.33 13.21 2.30
C ALA B 742 -31.12 11.99 2.67
N ARG B 743 -32.19 12.18 3.44
CA ARG B 743 -33.16 11.13 3.71
C ARG B 743 -34.42 11.35 2.93
N ASN B 744 -34.81 12.60 2.76
CA ASN B 744 -35.99 12.92 2.01
C ASN B 744 -35.64 13.18 0.58
N LEU B 745 -35.87 12.15 -0.23
CA LEU B 745 -35.42 12.13 -1.61
C LEU B 745 -36.42 12.87 -2.46
N ASP B 746 -37.68 12.94 -1.99
CA ASP B 746 -38.68 13.65 -2.75
C ASP B 746 -38.30 15.11 -2.93
N ASP B 747 -37.92 15.76 -1.84
CA ASP B 747 -37.44 17.14 -1.93
C ASP B 747 -36.17 17.28 -2.76
N VAL B 748 -35.29 16.29 -2.72
CA VAL B 748 -34.07 16.38 -3.51
C VAL B 748 -34.49 16.49 -4.97
N VAL B 749 -35.39 15.61 -5.39
CA VAL B 749 -35.86 15.57 -6.77
C VAL B 749 -36.73 16.76 -7.13
N LYS B 750 -37.69 17.13 -6.28
CA LYS B 750 -38.69 18.14 -6.67
C LYS B 750 -38.15 19.58 -6.56
N VAL B 751 -37.26 19.83 -5.61
CA VAL B 751 -36.75 21.19 -5.30
C VAL B 751 -35.26 21.37 -5.71
N LEU B 752 -34.39 20.43 -5.33
CA LEU B 752 -32.95 20.62 -5.57
C LEU B 752 -32.40 20.29 -6.94
N VAL B 753 -32.82 19.19 -7.54
CA VAL B 753 -32.10 18.69 -8.71
C VAL B 753 -32.15 19.57 -9.94
N GLU B 754 -33.34 20.06 -10.23
CA GLU B 754 -33.59 20.73 -11.50
C GLU B 754 -32.83 22.08 -11.56
N PRO B 755 -32.91 22.87 -10.50
CA PRO B 755 -32.08 24.09 -10.49
C PRO B 755 -30.61 23.72 -10.59
N LEU B 756 -30.24 22.65 -9.88
CA LEU B 756 -28.84 22.24 -9.87
C LEU B 756 -28.35 21.91 -11.28
N LEU B 757 -29.12 21.12 -12.03
CA LEU B 757 -28.70 20.71 -13.36
C LEU B 757 -28.67 21.89 -14.32
N ASN B 758 -29.71 22.74 -14.27
CA ASN B 758 -29.76 23.95 -15.11
C ASN B 758 -28.56 24.85 -14.86
N ALA B 759 -28.13 24.95 -13.63
CA ALA B 759 -26.96 25.80 -13.32
C ALA B 759 -25.61 25.21 -13.73
N VAL B 760 -25.41 23.91 -13.46
CA VAL B 760 -24.06 23.37 -13.66
C VAL B 760 -23.80 22.79 -15.03
N LEU B 761 -24.81 22.16 -15.66
CA LEU B 761 -24.52 21.35 -16.87
C LEU B 761 -24.15 22.20 -18.10
N GLU B 762 -25.02 23.15 -18.43
CA GLU B 762 -24.80 24.00 -19.62
C GLU B 762 -23.52 24.83 -19.44
N ASP B 763 -23.34 25.36 -18.23
CA ASP B 763 -22.08 26.05 -17.90
C ASP B 763 -20.84 25.16 -18.10
N TYR B 764 -20.89 23.92 -17.56
CA TYR B 764 -19.79 22.94 -17.82
C TYR B 764 -19.51 22.84 -19.32
N MET B 765 -20.56 22.67 -20.10
CA MET B 765 -20.38 22.44 -21.55
C MET B 765 -19.78 23.68 -22.24
N ASN B 766 -20.23 24.85 -21.84
CA ASN B 766 -19.77 26.07 -22.47
C ASN B 766 -18.42 26.59 -22.00
N ASN B 767 -18.02 26.26 -20.78
CA ASN B 767 -16.67 26.54 -20.31
C ASN B 767 -15.63 25.99 -21.29
N VAL B 768 -14.48 26.63 -21.34
CA VAL B 768 -13.36 26.09 -22.10
C VAL B 768 -12.71 24.94 -21.31
N PRO B 769 -12.06 24.01 -22.01
CA PRO B 769 -11.54 22.83 -21.34
C PRO B 769 -10.79 23.11 -20.07
N ASP B 770 -9.94 24.13 -20.03
CA ASP B 770 -9.12 24.35 -18.82
C ASP B 770 -9.82 25.02 -17.63
N ALA B 771 -11.09 25.37 -17.83
CA ALA B 771 -11.92 25.95 -16.81
C ALA B 771 -12.96 24.94 -16.31
N ARG B 772 -13.11 23.80 -16.96
CA ARG B 772 -14.09 22.83 -16.52
C ARG B 772 -13.56 22.16 -15.29
N ASP B 773 -14.39 22.04 -14.27
CA ASP B 773 -13.94 21.39 -13.05
C ASP B 773 -14.40 19.95 -12.99
N ALA B 774 -13.47 19.04 -12.68
CA ALA B 774 -13.80 17.62 -12.56
C ALA B 774 -14.80 17.36 -11.44
N GLU B 775 -14.82 18.26 -10.47
CA GLU B 775 -15.77 18.18 -9.36
C GLU B 775 -17.20 18.26 -9.80
N VAL B 776 -17.44 18.84 -10.98
CA VAL B 776 -18.78 18.83 -11.51
C VAL B 776 -19.23 17.38 -11.79
N LEU B 777 -18.30 16.59 -12.35
CA LEU B 777 -18.61 15.18 -12.65
C LEU B 777 -18.84 14.38 -11.36
N ASN B 778 -18.02 14.67 -10.35
CA ASN B 778 -18.18 14.01 -9.08
C ASN B 778 -19.55 14.29 -8.46
N CYS B 779 -19.99 15.55 -8.56
CA CYS B 779 -21.21 15.95 -7.97
C CYS B 779 -22.34 15.21 -8.67
N MET B 780 -22.26 15.14 -9.99
CA MET B 780 -23.29 14.45 -10.77
C MET B 780 -23.30 12.97 -10.46
N THR B 781 -22.14 12.35 -10.20
CA THR B 781 -22.10 10.94 -9.78
C THR B 781 -22.97 10.71 -8.54
N THR B 782 -22.79 11.58 -7.55
CA THR B 782 -23.58 11.51 -6.29
C THR B 782 -25.05 11.70 -6.54
N VAL B 783 -25.40 12.65 -7.40
CA VAL B 783 -26.82 12.85 -7.76
C VAL B 783 -27.39 11.54 -8.37
N VAL B 784 -26.64 10.93 -9.29
CA VAL B 784 -27.14 9.72 -9.96
C VAL B 784 -27.18 8.55 -8.98
N GLU B 785 -26.18 8.43 -8.14
CA GLU B 785 -26.12 7.37 -7.13
C GLU B 785 -27.37 7.44 -6.25
N LYS B 786 -27.68 8.64 -5.79
CA LYS B 786 -28.73 8.81 -4.84
C LYS B 786 -30.16 8.80 -5.38
N VAL B 787 -30.39 9.54 -6.44
CA VAL B 787 -31.74 9.67 -6.92
C VAL B 787 -31.91 9.39 -8.42
N GLY B 788 -30.87 8.85 -9.04
CA GLY B 788 -30.90 8.47 -10.44
C GLY B 788 -32.10 7.65 -10.85
N HIS B 789 -32.50 6.70 -10.01
CA HIS B 789 -33.75 5.95 -10.25
C HIS B 789 -35.02 6.82 -10.32
N MET B 790 -35.00 8.02 -9.73
CA MET B 790 -36.16 8.92 -9.70
C MET B 790 -36.17 10.02 -10.78
N ILE B 791 -35.04 10.24 -11.48
CA ILE B 791 -34.90 11.33 -12.47
C ILE B 791 -34.38 10.87 -13.82
N PRO B 792 -35.14 10.00 -14.49
CA PRO B 792 -34.63 9.52 -15.79
C PRO B 792 -34.30 10.64 -16.81
N GLN B 793 -35.09 11.70 -16.78
CA GLN B 793 -34.89 12.84 -17.69
C GLN B 793 -33.68 13.67 -17.32
N GLY B 794 -33.42 13.82 -16.03
CA GLY B 794 -32.23 14.53 -15.57
C GLY B 794 -31.00 13.75 -15.97
N VAL B 795 -31.09 12.43 -15.89
CA VAL B 795 -29.91 11.63 -16.22
C VAL B 795 -29.59 11.77 -17.69
N ILE B 796 -30.59 11.76 -18.56
CA ILE B 796 -30.35 12.06 -19.97
C ILE B 796 -29.67 13.42 -20.16
N LEU B 797 -30.15 14.46 -19.48
CA LEU B 797 -29.51 15.78 -19.58
C LEU B 797 -28.04 15.72 -19.19
N ILE B 798 -27.78 15.08 -18.06
CA ILE B 798 -26.39 14.89 -17.60
C ILE B 798 -25.57 14.35 -18.74
N LEU B 799 -26.01 13.24 -19.32
CA LEU B 799 -25.23 12.67 -20.46
C LEU B 799 -24.99 13.62 -21.61
N GLN B 800 -26.04 14.30 -22.03
CA GLN B 800 -25.96 15.20 -23.15
C GLN B 800 -25.00 16.28 -22.85
N SER B 801 -25.00 16.78 -21.62
CA SER B 801 -24.18 17.96 -21.37
C SER B 801 -22.71 17.64 -21.15
N VAL B 802 -22.41 16.50 -20.52
CA VAL B 802 -21.02 16.25 -20.13
C VAL B 802 -20.30 15.14 -20.92
N PHE B 803 -21.03 14.34 -21.70
CA PHE B 803 -20.47 13.13 -22.28
C PHE B 803 -19.46 13.43 -23.37
N GLU B 804 -19.90 14.01 -24.47
CA GLU B 804 -19.03 14.22 -25.61
C GLU B 804 -17.96 15.24 -25.35
N CYS B 805 -18.29 16.31 -24.64
CA CYS B 805 -17.29 17.34 -24.41
C CYS B 805 -16.17 16.84 -23.49
N THR B 806 -16.50 16.05 -22.47
CA THR B 806 -15.45 15.43 -21.64
C THR B 806 -14.71 14.35 -22.42
N LEU B 807 -15.42 13.49 -23.15
CA LEU B 807 -14.69 12.51 -23.97
C LEU B 807 -13.61 13.19 -24.85
N ASP B 808 -13.97 14.30 -25.49
CA ASP B 808 -12.98 15.07 -26.26
C ASP B 808 -11.76 15.57 -25.54
N MET B 809 -11.83 15.75 -24.23
CA MET B 809 -10.69 16.26 -23.48
C MET B 809 -9.70 15.15 -23.25
N ILE B 810 -10.21 13.91 -23.16
CA ILE B 810 -9.43 12.80 -22.64
C ILE B 810 -9.09 11.73 -23.65
N ASN B 811 -9.53 11.92 -24.89
CA ASN B 811 -9.32 10.90 -25.90
C ASN B 811 -8.24 11.26 -26.85
N LYS B 812 -7.40 12.25 -26.56
CA LYS B 812 -6.29 12.65 -27.46
C LYS B 812 -5.00 11.92 -27.05
N ASP B 813 -4.88 11.67 -25.76
CA ASP B 813 -3.70 11.02 -25.17
C ASP B 813 -4.18 10.33 -23.87
N PHE B 814 -3.27 9.71 -23.15
CA PHE B 814 -3.68 9.03 -21.93
C PHE B 814 -3.35 9.85 -20.69
N THR B 815 -2.69 10.98 -20.85
CA THR B 815 -2.06 11.61 -19.71
C THR B 815 -2.66 12.93 -19.22
N GLU B 816 -3.34 13.68 -20.10
CA GLU B 816 -3.90 15.01 -19.76
C GLU B 816 -5.23 14.86 -19.04
N TYR B 817 -5.55 15.89 -18.25
CA TYR B 817 -6.76 15.93 -17.44
C TYR B 817 -6.99 14.67 -16.62
N PRO B 818 -6.01 14.29 -15.79
CA PRO B 818 -6.10 13.06 -15.02
C PRO B 818 -7.36 12.98 -14.13
N GLU B 819 -7.81 14.10 -13.59
CA GLU B 819 -8.96 14.06 -12.68
C GLU B 819 -10.24 13.79 -13.47
N HIS B 820 -10.30 14.38 -14.66
CA HIS B 820 -11.47 14.21 -15.52
C HIS B 820 -11.59 12.78 -16.04
N ARG B 821 -10.48 12.16 -16.38
CA ARG B 821 -10.51 10.76 -16.79
C ARG B 821 -11.23 9.93 -15.73
N VAL B 822 -10.71 10.03 -14.51
CA VAL B 822 -11.21 9.22 -13.40
C VAL B 822 -12.68 9.51 -13.11
N GLU B 823 -13.08 10.79 -13.06
CA GLU B 823 -14.42 11.10 -12.64
C GLU B 823 -15.45 10.75 -13.75
N PHE B 824 -15.03 10.89 -14.99
CA PHE B 824 -15.82 10.53 -16.15
C PHE B 824 -16.25 9.09 -16.12
N TYR B 825 -15.31 8.17 -15.90
CA TYR B 825 -15.68 6.75 -15.94
C TYR B 825 -16.45 6.34 -14.68
N LYS B 826 -16.19 7.03 -13.57
CA LYS B 826 -17.05 6.84 -12.41
C LYS B 826 -18.46 7.24 -12.70
N LEU B 827 -18.67 8.37 -13.36
CA LEU B 827 -20.03 8.80 -13.67
C LEU B 827 -20.70 7.85 -14.68
N LEU B 828 -19.98 7.49 -15.75
CA LEU B 828 -20.56 6.52 -16.69
C LEU B 828 -20.97 5.25 -16.02
N LYS B 829 -20.13 4.78 -15.10
CA LYS B 829 -20.43 3.54 -14.41
C LYS B 829 -21.71 3.62 -13.64
N VAL B 830 -21.89 4.68 -12.85
CA VAL B 830 -23.11 4.79 -12.05
C VAL B 830 -24.33 4.97 -12.95
N ILE B 831 -24.18 5.68 -14.09
CA ILE B 831 -25.35 5.89 -14.95
C ILE B 831 -25.78 4.53 -15.55
N ASN B 832 -24.79 3.77 -15.98
CA ASN B 832 -24.99 2.43 -16.45
C ASN B 832 -25.62 1.47 -15.43
N GLU B 833 -25.32 1.63 -14.13
CA GLU B 833 -25.97 0.81 -13.09
C GLU B 833 -27.37 1.24 -12.72
N LYS B 834 -27.58 2.54 -12.60
CA LYS B 834 -28.79 3.04 -11.98
C LYS B 834 -29.81 3.55 -12.97
N SER B 835 -29.38 4.01 -14.14
CA SER B 835 -30.32 4.52 -15.16
C SER B 835 -29.86 4.15 -16.56
N PHE B 836 -29.75 2.86 -16.81
CA PHE B 836 -29.28 2.36 -18.10
C PHE B 836 -30.21 2.89 -19.20
N ALA B 837 -31.48 3.07 -18.87
CA ALA B 837 -32.42 3.62 -19.85
C ALA B 837 -31.89 4.89 -20.56
N ALA B 838 -31.05 5.68 -19.89
CA ALA B 838 -30.47 6.87 -20.55
C ALA B 838 -29.59 6.47 -21.73
N PHE B 839 -28.91 5.34 -21.63
CA PHE B 839 -28.08 4.92 -22.76
C PHE B 839 -28.89 4.45 -23.94
N LEU B 840 -30.05 3.82 -23.68
CA LEU B 840 -30.99 3.39 -24.74
C LEU B 840 -31.56 4.54 -25.52
N GLU B 841 -31.54 5.73 -24.95
CA GLU B 841 -32.14 6.87 -25.62
C GLU B 841 -31.17 7.59 -26.49
N LEU B 842 -29.89 7.38 -26.27
CA LEU B 842 -28.88 8.02 -27.08
C LEU B 842 -29.13 7.70 -28.56
N PRO B 843 -28.79 8.62 -29.47
CA PRO B 843 -28.77 8.19 -30.85
C PRO B 843 -27.61 7.20 -31.12
N PRO B 844 -27.78 6.28 -32.08
CA PRO B 844 -26.72 5.31 -32.43
C PRO B 844 -25.31 5.85 -32.55
N ALA B 845 -25.12 7.02 -33.12
CA ALA B 845 -23.75 7.53 -33.21
C ALA B 845 -23.17 7.86 -31.81
N ALA B 846 -24.01 8.27 -30.87
CA ALA B 846 -23.51 8.60 -29.54
C ALA B 846 -23.29 7.31 -28.74
N PHE B 847 -24.08 6.27 -29.03
CA PHE B 847 -23.90 4.99 -28.38
C PHE B 847 -22.58 4.35 -28.80
N LYS B 848 -22.21 4.58 -30.04
CA LYS B 848 -20.95 4.09 -30.54
C LYS B 848 -19.83 4.77 -29.82
N LEU B 849 -20.01 6.06 -29.61
CA LEU B 849 -19.06 6.81 -28.81
C LEU B 849 -18.92 6.26 -27.38
N PHE B 850 -20.03 5.86 -26.78
CA PHE B 850 -20.01 5.24 -25.49
C PHE B 850 -19.20 3.95 -25.47
N VAL B 851 -19.52 3.01 -26.37
CA VAL B 851 -18.71 1.81 -26.57
C VAL B 851 -17.24 2.18 -26.80
N ASP B 852 -17.00 3.16 -27.65
CA ASP B 852 -15.65 3.65 -27.86
C ASP B 852 -14.96 4.10 -26.58
N ALA B 853 -15.74 4.75 -25.72
CA ALA B 853 -15.21 5.33 -24.49
C ALA B 853 -14.83 4.17 -23.55
N ILE B 854 -15.69 3.16 -23.48
CA ILE B 854 -15.43 2.00 -22.66
C ILE B 854 -14.13 1.30 -23.09
N CYS B 855 -13.95 1.11 -24.39
CA CYS B 855 -12.76 0.45 -24.91
C CYS B 855 -11.52 1.29 -24.66
N TRP B 856 -11.66 2.60 -24.75
CA TRP B 856 -10.55 3.50 -24.50
C TRP B 856 -10.08 3.35 -23.06
N ALA B 857 -11.00 3.23 -22.10
CA ALA B 857 -10.60 3.01 -20.72
C ALA B 857 -9.76 1.74 -20.54
N PHE B 858 -10.05 0.70 -21.35
CA PHE B 858 -9.33 -0.57 -21.30
C PHE B 858 -7.85 -0.38 -21.59
N LYS B 859 -7.56 0.52 -22.52
CA LYS B 859 -6.22 0.75 -22.97
C LYS B 859 -5.37 1.61 -22.04
N HIS B 860 -5.93 2.10 -20.95
CA HIS B 860 -5.15 2.98 -20.08
C HIS B 860 -4.16 2.15 -19.26
N ASN B 861 -2.96 2.66 -19.05
CA ASN B 861 -2.06 2.09 -18.02
C ASN B 861 -2.36 2.93 -16.81
N ASN B 862 -3.52 2.70 -16.21
CA ASN B 862 -3.96 3.55 -15.13
C ASN B 862 -5.04 2.87 -14.39
N ARG B 863 -4.65 2.33 -13.25
CA ARG B 863 -5.51 1.38 -12.60
C ARG B 863 -6.88 2.00 -12.25
N ASP B 864 -6.90 3.29 -11.96
CA ASP B 864 -8.12 3.99 -11.54
C ASP B 864 -9.15 4.20 -12.66
N VAL B 865 -8.69 4.22 -13.90
CA VAL B 865 -9.57 4.27 -15.05
C VAL B 865 -9.98 2.86 -15.46
N GLU B 866 -8.98 2.00 -15.55
CA GLU B 866 -9.09 0.67 -16.14
C GLU B 866 -10.17 -0.12 -15.43
N VAL B 867 -10.19 -0.01 -14.10
CA VAL B 867 -11.08 -0.80 -13.30
C VAL B 867 -12.53 -0.46 -13.64
N ASN B 868 -12.80 0.84 -13.78
CA ASN B 868 -14.12 1.28 -14.12
C ASN B 868 -14.52 0.97 -15.54
N GLY B 869 -13.62 1.12 -16.49
CA GLY B 869 -13.88 0.71 -17.83
C GLY B 869 -14.31 -0.74 -17.90
N LEU B 870 -13.60 -1.60 -17.18
CA LEU B 870 -13.87 -3.04 -17.26
C LEU B 870 -15.20 -3.33 -16.61
N GLN B 871 -15.44 -2.69 -15.49
CA GLN B 871 -16.69 -2.88 -14.75
C GLN B 871 -17.89 -2.37 -15.58
N ILE B 872 -17.72 -1.27 -16.28
CA ILE B 872 -18.80 -0.82 -17.12
C ILE B 872 -19.18 -1.86 -18.21
N ALA B 873 -18.16 -2.45 -18.83
CA ALA B 873 -18.37 -3.40 -19.91
C ALA B 873 -19.13 -4.58 -19.39
N LEU B 874 -18.75 -5.07 -18.23
CA LEU B 874 -19.47 -6.19 -17.64
C LEU B 874 -20.94 -5.85 -17.36
N ASP B 875 -21.14 -4.67 -16.81
CA ASP B 875 -22.45 -4.20 -16.41
C ASP B 875 -23.30 -3.98 -17.65
N LEU B 876 -22.69 -3.42 -18.68
CA LEU B 876 -23.39 -3.18 -19.94
C LEU B 876 -23.86 -4.48 -20.57
N VAL B 877 -22.97 -5.46 -20.61
CA VAL B 877 -23.33 -6.75 -21.15
C VAL B 877 -24.46 -7.37 -20.32
N LYS B 878 -24.42 -7.26 -19.00
CA LYS B 878 -25.53 -7.80 -18.20
C LYS B 878 -26.84 -7.04 -18.48
N ASN B 879 -26.74 -5.74 -18.75
CA ASN B 879 -27.94 -4.89 -18.95
C ASN B 879 -28.61 -5.32 -20.24
N ILE B 880 -27.79 -5.58 -21.25
CA ILE B 880 -28.29 -5.97 -22.53
C ILE B 880 -28.82 -7.38 -22.51
N GLU B 881 -28.10 -8.24 -21.80
CA GLU B 881 -28.54 -9.60 -21.56
C GLU B 881 -29.89 -9.65 -20.80
N ARG B 882 -30.16 -8.67 -19.95
CA ARG B 882 -31.43 -8.64 -19.24
C ARG B 882 -32.61 -8.14 -20.08
N MET B 883 -32.34 -7.40 -21.15
CA MET B 883 -33.37 -7.12 -22.12
C MET B 883 -33.53 -8.46 -22.85
N GLY B 884 -34.74 -8.90 -23.13
CA GLY B 884 -34.87 -10.24 -23.71
C GLY B 884 -34.34 -10.37 -25.14
N ASN B 885 -34.97 -11.27 -25.89
CA ASN B 885 -34.93 -11.23 -27.34
C ASN B 885 -35.75 -10.02 -27.79
N VAL B 886 -35.05 -8.90 -28.00
CA VAL B 886 -35.62 -7.59 -28.31
C VAL B 886 -34.61 -6.95 -29.25
N PRO B 887 -35.04 -5.99 -30.11
CA PRO B 887 -34.11 -5.59 -31.17
C PRO B 887 -32.97 -4.69 -30.76
N PHE B 888 -33.07 -4.03 -29.63
CA PHE B 888 -31.94 -3.20 -29.28
C PHE B 888 -30.81 -4.17 -28.92
N ALA B 889 -31.18 -5.20 -28.16
CA ALA B 889 -30.27 -6.23 -27.70
C ALA B 889 -29.61 -6.89 -28.89
N ASN B 890 -30.43 -7.36 -29.82
CA ASN B 890 -29.92 -8.10 -30.96
C ASN B 890 -29.06 -7.23 -31.86
N GLU B 891 -29.47 -5.97 -32.02
CA GLU B 891 -28.66 -5.01 -32.74
C GLU B 891 -27.31 -4.81 -32.03
N PHE B 892 -27.36 -4.74 -30.70
CA PHE B 892 -26.16 -4.48 -29.91
C PHE B 892 -25.11 -5.59 -30.19
N HIS B 893 -25.57 -6.81 -30.10
CA HIS B 893 -24.74 -7.99 -30.29
C HIS B 893 -24.16 -8.00 -31.67
N LYS B 894 -25.01 -7.88 -32.68
CA LYS B 894 -24.48 -7.73 -34.07
C LYS B 894 -23.49 -6.61 -34.23
N ASN B 895 -23.69 -5.50 -33.54
CA ASN B 895 -22.77 -4.38 -33.70
C ASN B 895 -21.50 -4.48 -32.87
N TYR B 896 -21.59 -5.06 -31.68
CA TYR B 896 -20.54 -4.86 -30.67
C TYR B 896 -19.98 -6.10 -29.99
N PHE B 897 -20.62 -7.25 -30.18
CA PHE B 897 -20.20 -8.43 -29.53
C PHE B 897 -18.73 -8.67 -29.79
N PHE B 898 -18.33 -8.56 -31.05
CA PHE B 898 -16.96 -8.86 -31.42
C PHE B 898 -16.01 -7.72 -31.10
N ILE B 899 -16.52 -6.51 -31.05
CA ILE B 899 -15.68 -5.42 -30.60
C ILE B 899 -15.26 -5.72 -29.17
N PHE B 900 -16.18 -6.18 -28.34
CA PHE B 900 -15.83 -6.49 -26.95
C PHE B 900 -14.95 -7.73 -26.83
N VAL B 901 -15.18 -8.75 -27.66
CA VAL B 901 -14.36 -9.93 -27.61
C VAL B 901 -12.91 -9.63 -27.92
N SER B 902 -12.63 -8.93 -29.01
CA SER B 902 -11.25 -8.59 -29.35
C SER B 902 -10.63 -7.55 -28.44
N GLU B 903 -11.38 -6.54 -28.00
CA GLU B 903 -10.87 -5.56 -27.04
C GLU B 903 -10.47 -6.24 -25.71
N THR B 904 -11.31 -7.15 -25.24
CA THR B 904 -10.99 -7.88 -24.04
C THR B 904 -9.71 -8.69 -24.28
N PHE B 905 -9.60 -9.33 -25.44
CA PHE B 905 -8.43 -10.14 -25.73
C PHE B 905 -7.18 -9.30 -25.84
N PHE B 906 -7.37 -8.13 -26.41
CA PHE B 906 -6.25 -7.24 -26.62
C PHE B 906 -5.67 -6.84 -25.28
N VAL B 907 -6.47 -6.56 -24.27
CA VAL B 907 -5.83 -6.17 -23.01
C VAL B 907 -5.38 -7.35 -22.19
N LEU B 908 -6.06 -8.47 -22.32
CA LEU B 908 -5.56 -9.68 -21.69
C LEU B 908 -4.17 -10.05 -22.12
N THR B 909 -3.83 -9.84 -23.38
CA THR B 909 -2.59 -10.35 -23.92
C THR B 909 -1.52 -9.29 -23.93
N ASP B 910 -1.91 -8.08 -23.58
CA ASP B 910 -0.96 -7.00 -23.37
C ASP B 910 -0.09 -7.26 -22.16
N SER B 911 1.11 -6.68 -22.20
CA SER B 911 2.05 -6.78 -21.09
C SER B 911 1.60 -6.09 -19.76
N ASP B 912 0.85 -5.00 -19.89
CA ASP B 912 0.69 -4.04 -18.80
C ASP B 912 -0.76 -3.66 -18.44
N HIS B 913 -1.64 -4.65 -18.48
CA HIS B 913 -3.02 -4.49 -17.99
C HIS B 913 -3.35 -5.61 -17.06
N LYS B 914 -2.36 -6.00 -16.26
CA LYS B 914 -2.50 -7.16 -15.40
C LYS B 914 -3.43 -6.95 -14.20
N SER B 915 -3.66 -5.72 -13.76
CA SER B 915 -4.55 -5.49 -12.65
C SER B 915 -5.99 -5.76 -13.04
N GLY B 916 -6.29 -5.69 -14.33
CA GLY B 916 -7.61 -5.97 -14.80
C GLY B 916 -7.86 -7.43 -15.06
N PHE B 917 -6.88 -8.31 -14.82
CA PHE B 917 -6.98 -9.69 -15.20
C PHE B 917 -8.27 -10.40 -14.78
N SER B 918 -8.57 -10.34 -13.49
CA SER B 918 -9.77 -10.98 -12.96
C SER B 918 -11.07 -10.56 -13.66
N LYS B 919 -11.21 -9.31 -13.94
CA LYS B 919 -12.46 -8.84 -14.58
C LYS B 919 -12.42 -9.06 -16.09
N GLN B 920 -11.23 -8.97 -16.67
CA GLN B 920 -11.06 -9.33 -18.06
C GLN B 920 -11.51 -10.79 -18.26
N ALA B 921 -11.12 -11.66 -17.36
CA ALA B 921 -11.47 -13.05 -17.47
C ALA B 921 -12.98 -13.19 -17.37
N LEU B 922 -13.57 -12.52 -16.39
CA LEU B 922 -15.01 -12.60 -16.21
C LEU B 922 -15.75 -12.07 -17.42
N LEU B 923 -15.29 -10.96 -17.99
CA LEU B 923 -15.96 -10.46 -19.13
C LEU B 923 -15.93 -11.46 -20.28
N LEU B 924 -14.77 -12.08 -20.44
CA LEU B 924 -14.60 -13.02 -21.53
C LEU B 924 -15.46 -14.28 -21.29
N MET B 925 -15.51 -14.75 -20.05
CA MET B 925 -16.43 -15.84 -19.76
C MET B 925 -17.90 -15.50 -20.08
N LYS B 926 -18.29 -14.27 -19.79
CA LYS B 926 -19.65 -13.85 -20.04
C LYS B 926 -19.91 -13.74 -21.53
N LEU B 927 -18.97 -13.23 -22.29
CA LEU B 927 -19.20 -13.15 -23.69
C LEU B 927 -19.34 -14.54 -24.35
N ILE B 928 -18.45 -15.46 -23.98
CA ILE B 928 -18.51 -16.80 -24.48
C ILE B 928 -19.82 -17.45 -24.09
N SER B 929 -20.27 -17.28 -22.85
CA SER B 929 -21.55 -17.92 -22.44
C SER B 929 -22.71 -17.42 -23.29
N LEU B 930 -22.68 -16.15 -23.69
CA LEU B 930 -23.73 -15.60 -24.48
C LEU B 930 -23.92 -16.45 -25.74
N VAL B 931 -22.84 -16.98 -26.28
CA VAL B 931 -22.93 -17.79 -27.46
C VAL B 931 -23.09 -19.28 -27.17
N TYR B 932 -22.33 -19.81 -26.23
CA TYR B 932 -22.38 -21.23 -25.93
C TYR B 932 -23.57 -21.62 -25.06
N ASP B 933 -24.25 -20.64 -24.50
CA ASP B 933 -25.50 -20.91 -23.79
C ASP B 933 -26.66 -20.49 -24.65
N ASN B 934 -26.40 -20.20 -25.92
CA ASN B 934 -27.47 -19.95 -26.88
C ASN B 934 -28.42 -18.86 -26.42
N LYS B 935 -27.84 -17.83 -25.81
CA LYS B 935 -28.61 -16.69 -25.28
C LYS B 935 -28.68 -15.59 -26.29
N ILE B 936 -27.96 -15.70 -27.38
CA ILE B 936 -28.07 -14.67 -28.40
C ILE B 936 -28.95 -15.23 -29.52
N SER B 937 -30.11 -14.63 -29.76
CA SER B 937 -31.11 -15.26 -30.64
C SER B 937 -30.89 -15.03 -32.14
N VAL B 938 -29.91 -14.21 -32.49
CA VAL B 938 -29.71 -13.76 -33.84
C VAL B 938 -28.37 -14.26 -34.37
N PRO B 939 -28.22 -14.39 -35.71
CA PRO B 939 -26.84 -14.66 -36.12
C PRO B 939 -25.94 -13.42 -36.07
N LEU B 940 -24.71 -13.64 -35.65
CA LEU B 940 -23.69 -12.58 -35.56
C LEU B 940 -22.94 -12.26 -36.86
N TYR B 941 -23.19 -12.99 -37.93
CA TYR B 941 -22.41 -12.85 -39.16
C TYR B 941 -23.27 -12.20 -40.25
N GLN B 942 -22.64 -11.45 -41.16
CA GLN B 942 -23.35 -10.68 -42.21
C GLN B 942 -23.98 -11.56 -43.30
N GLY B 949 -27.09 -21.71 -42.15
CA GLY B 949 -27.43 -22.05 -40.74
C GLY B 949 -26.24 -22.35 -39.83
N THR B 950 -25.08 -21.82 -40.19
CA THR B 950 -23.85 -21.88 -39.37
C THR B 950 -24.11 -21.37 -37.94
N SER B 951 -23.76 -22.14 -36.92
CA SER B 951 -24.04 -21.70 -35.58
C SER B 951 -23.11 -20.49 -35.19
N ASN B 952 -23.55 -19.74 -34.18
CA ASN B 952 -22.72 -18.69 -33.58
C ASN B 952 -21.52 -19.32 -32.90
N GLN B 953 -21.67 -20.52 -32.34
CA GLN B 953 -20.52 -21.29 -31.76
C GLN B 953 -19.37 -21.46 -32.75
N VAL B 954 -19.68 -21.96 -33.94
CA VAL B 954 -18.63 -22.14 -34.95
C VAL B 954 -18.15 -20.79 -35.46
N TYR B 955 -19.06 -19.85 -35.68
CA TYR B 955 -18.62 -18.53 -36.19
C TYR B 955 -17.66 -17.85 -35.20
N LEU B 956 -17.91 -18.06 -33.91
CA LEU B 956 -17.09 -17.49 -32.86
C LEU B 956 -15.74 -18.17 -32.86
N SER B 957 -15.73 -19.49 -32.91
CA SER B 957 -14.45 -20.21 -32.90
C SER B 957 -13.58 -19.79 -34.08
N GLN B 958 -14.20 -19.65 -35.25
CA GLN B 958 -13.51 -19.14 -36.43
C GLN B 958 -12.99 -17.75 -36.27
N TYR B 959 -13.80 -16.86 -35.71
CA TYR B 959 -13.38 -15.49 -35.54
C TYR B 959 -12.14 -15.50 -34.66
N LEU B 960 -12.19 -16.30 -33.62
CA LEU B 960 -11.10 -16.34 -32.63
C LEU B 960 -9.83 -16.95 -33.22
N ALA B 961 -9.96 -18.05 -33.95
CA ALA B 961 -8.73 -18.64 -34.56
C ALA B 961 -8.01 -17.62 -35.46
N ASN B 962 -8.80 -16.89 -36.20
CA ASN B 962 -8.28 -15.95 -37.17
C ASN B 962 -7.69 -14.75 -36.43
N MET B 963 -8.39 -14.25 -35.43
CA MET B 963 -7.85 -13.16 -34.61
C MET B 963 -6.51 -13.53 -33.99
N LEU B 964 -6.43 -14.73 -33.41
CA LEU B 964 -5.22 -15.17 -32.73
C LEU B 964 -4.08 -15.47 -33.67
N SER B 965 -4.34 -16.08 -34.83
CA SER B 965 -3.23 -16.40 -35.72
C SER B 965 -2.73 -15.14 -36.34
N ASN B 966 -3.61 -14.16 -36.49
CA ASN B 966 -3.15 -12.86 -36.92
C ASN B 966 -2.38 -12.10 -35.87
N ALA B 967 -2.79 -12.12 -34.60
CA ALA B 967 -2.03 -11.35 -33.59
C ALA B 967 -0.78 -12.08 -33.15
N PHE B 968 -0.78 -13.41 -33.23
CA PHE B 968 0.32 -14.24 -32.71
C PHE B 968 0.74 -15.28 -33.71
N PRO B 969 1.32 -14.83 -34.83
CA PRO B 969 1.60 -15.69 -35.97
C PRO B 969 2.56 -16.79 -35.71
N HIS B 970 3.37 -16.67 -34.68
CA HIS B 970 4.22 -17.79 -34.28
C HIS B 970 3.46 -18.92 -33.58
N LEU B 971 2.16 -18.76 -33.25
CA LEU B 971 1.45 -19.88 -32.64
C LEU B 971 1.15 -20.92 -33.72
N THR B 972 1.17 -22.20 -33.40
CA THR B 972 0.73 -23.18 -34.36
C THR B 972 -0.80 -23.32 -34.37
N SER B 973 -1.35 -23.83 -35.47
CA SER B 973 -2.76 -24.22 -35.47
C SER B 973 -3.16 -25.16 -34.34
N GLU B 974 -2.30 -26.11 -34.01
CA GLU B 974 -2.59 -27.05 -32.94
C GLU B 974 -2.72 -26.30 -31.57
N GLN B 975 -1.83 -25.34 -31.34
CA GLN B 975 -1.90 -24.55 -30.09
C GLN B 975 -3.23 -23.77 -30.01
N ILE B 976 -3.68 -23.22 -31.12
CA ILE B 976 -4.89 -22.42 -31.18
C ILE B 976 -6.13 -23.33 -31.03
N ALA B 977 -6.19 -24.45 -31.76
CA ALA B 977 -7.30 -25.42 -31.59
C ALA B 977 -7.40 -25.86 -30.16
N SER B 978 -6.28 -26.25 -29.59
CA SER B 978 -6.32 -26.75 -28.23
C SER B 978 -6.68 -25.66 -27.16
N PHE B 979 -6.23 -24.43 -27.35
CA PHE B 979 -6.61 -23.34 -26.44
C PHE B 979 -8.12 -23.02 -26.55
N LEU B 980 -8.58 -22.84 -27.77
CA LEU B 980 -9.95 -22.54 -28.00
C LEU B 980 -10.87 -23.68 -27.53
N SER B 981 -10.44 -24.91 -27.74
CA SER B 981 -11.26 -26.05 -27.29
C SER B 981 -11.40 -26.00 -25.74
N ALA B 982 -10.30 -25.76 -25.04
CA ALA B 982 -10.33 -25.53 -23.59
C ALA B 982 -11.20 -24.34 -23.15
N LEU B 983 -11.01 -23.19 -23.80
CA LEU B 983 -11.73 -22.02 -23.39
C LEU B 983 -13.19 -22.28 -23.50
N THR B 984 -13.60 -22.86 -24.61
CA THR B 984 -15.01 -23.03 -24.84
C THR B 984 -15.67 -24.12 -24.02
N LYS B 985 -14.88 -24.89 -23.29
CA LYS B 985 -15.38 -25.88 -22.39
C LYS B 985 -15.32 -25.44 -20.95
N GLN B 986 -14.61 -24.38 -20.65
CA GLN B 986 -14.24 -24.06 -19.27
C GLN B 986 -14.91 -22.79 -18.77
N TYR B 987 -15.77 -22.24 -19.60
CA TYR B 987 -16.22 -20.88 -19.40
C TYR B 987 -17.26 -20.75 -18.29
N LYS B 988 -17.65 -21.84 -17.64
CA LYS B 988 -18.44 -21.73 -16.39
C LYS B 988 -17.61 -21.82 -15.13
N ASP B 989 -16.36 -22.21 -15.29
CA ASP B 989 -15.53 -22.50 -14.12
C ASP B 989 -14.43 -21.47 -14.01
N LEU B 990 -14.65 -20.47 -13.17
CA LEU B 990 -13.78 -19.30 -13.18
C LEU B 990 -12.32 -19.62 -12.95
N VAL B 991 -12.06 -20.49 -12.02
CA VAL B 991 -10.69 -20.75 -11.59
C VAL B 991 -9.92 -21.49 -12.67
N VAL B 992 -10.60 -22.44 -13.27
CA VAL B 992 -10.01 -23.26 -14.31
C VAL B 992 -9.84 -22.41 -15.56
N PHE B 993 -10.89 -21.64 -15.88
CA PHE B 993 -10.83 -20.69 -16.96
C PHE B 993 -9.66 -19.75 -16.84
N LYS B 994 -9.41 -19.22 -15.64
CA LYS B 994 -8.26 -18.33 -15.52
C LYS B 994 -6.97 -19.06 -15.67
N GLY B 995 -6.90 -20.29 -15.24
CA GLY B 995 -5.66 -21.03 -15.37
C GLY B 995 -5.30 -21.20 -16.86
N THR B 996 -6.31 -21.49 -17.67
CA THR B 996 -6.10 -21.63 -19.11
C THR B 996 -5.68 -20.32 -19.74
N LEU B 997 -6.28 -19.22 -19.33
CA LEU B 997 -5.83 -17.94 -19.83
C LEU B 997 -4.39 -17.66 -19.43
N ARG B 998 -4.04 -17.91 -18.17
CA ARG B 998 -2.63 -17.75 -17.79
C ARG B 998 -1.71 -18.60 -18.67
N ASP B 999 -2.05 -19.86 -18.90
CA ASP B 999 -1.24 -20.68 -19.79
C ASP B 999 -1.04 -20.09 -21.21
N PHE B 1000 -2.13 -19.62 -21.78
CA PHE B 1000 -2.08 -18.89 -23.04
C PHE B 1000 -1.13 -17.69 -22.99
N LEU B 1001 -1.18 -16.88 -21.91
CA LEU B 1001 -0.32 -15.68 -21.83
C LEU B 1001 1.15 -16.07 -21.76
N VAL B 1002 1.47 -17.20 -21.13
CA VAL B 1002 2.82 -17.75 -21.17
C VAL B 1002 3.17 -18.14 -22.59
N GLN B 1003 2.32 -18.96 -23.26
CA GLN B 1003 2.67 -19.48 -24.57
C GLN B 1003 2.82 -18.43 -25.66
N ILE B 1004 2.10 -17.32 -25.59
CA ILE B 1004 2.28 -16.31 -26.62
C ILE B 1004 3.60 -15.60 -26.50
N LYS B 1005 4.30 -15.75 -25.40
CA LYS B 1005 5.57 -15.02 -25.19
C LYS B 1005 6.70 -15.81 -25.73
N GLU B 1006 6.44 -16.98 -26.27
CA GLU B 1006 7.53 -17.88 -26.72
C GLU B 1006 7.13 -18.66 -27.92
N VAL B 1007 8.09 -19.29 -28.56
CA VAL B 1007 7.82 -20.20 -29.67
C VAL B 1007 7.78 -21.63 -29.21
N GLY B 1008 6.88 -22.41 -29.80
CA GLY B 1008 6.94 -23.88 -29.64
C GLY B 1008 6.32 -24.37 -28.37
N GLY B 1009 5.38 -23.61 -27.80
CA GLY B 1009 4.61 -24.16 -26.68
C GLY B 1009 3.94 -25.47 -27.00
N ASP B 1010 3.78 -26.30 -25.98
CA ASP B 1010 3.10 -27.58 -26.11
C ASP B 1010 1.53 -27.44 -26.04
N PRO B 1011 0.83 -27.81 -27.14
CA PRO B 1011 -0.61 -27.64 -27.13
C PRO B 1011 -1.36 -28.51 -26.16
N THR B 1012 -0.71 -29.58 -25.69
CA THR B 1012 -1.29 -30.41 -24.68
C THR B 1012 -1.33 -29.71 -23.30
N ASP B 1013 -0.65 -28.56 -23.14
CA ASP B 1013 -0.79 -27.80 -21.86
C ASP B 1013 -2.25 -27.45 -21.55
N TYR B 1014 -3.06 -27.18 -22.58
CA TYR B 1014 -4.47 -26.82 -22.35
C TYR B 1014 -5.35 -27.99 -21.87
N LEU B 1015 -4.79 -29.18 -21.73
CA LEU B 1015 -5.54 -30.30 -21.18
C LEU B 1015 -5.29 -30.52 -19.70
N PHE B 1016 -4.56 -29.59 -19.07
CA PHE B 1016 -4.15 -29.78 -17.72
C PHE B 1016 -5.31 -30.00 -16.76
N ALA B 1017 -6.40 -29.25 -16.91
CA ALA B 1017 -7.53 -29.41 -16.01
C ALA B 1017 -8.14 -30.82 -16.00
N GLU B 1018 -8.20 -31.50 -17.16
CA GLU B 1018 -8.86 -32.83 -17.29
C GLU B 1018 -7.93 -33.97 -16.93
N ASP B 1019 -6.69 -33.88 -17.41
CA ASP B 1019 -5.63 -34.75 -16.94
C ASP B 1019 -5.70 -34.86 -15.41
N LYS B 1020 -5.99 -33.76 -14.71
CA LYS B 1020 -6.12 -33.86 -13.25
C LYS B 1020 -7.17 -34.87 -12.87
N GLY C 33 -21.08 9.45 44.28
CA GLY C 33 -19.79 10.18 44.24
C GLY C 33 -19.87 11.45 43.42
N ASN C 34 -18.73 12.14 43.33
CA ASN C 34 -18.62 13.38 42.56
C ASN C 34 -17.16 13.64 42.05
N LEU C 35 -16.97 14.74 41.31
CA LEU C 35 -15.68 15.19 40.76
C LEU C 35 -15.49 16.74 40.97
N ASN C 36 -16.02 17.26 42.08
CA ASN C 36 -15.99 18.71 42.31
C ASN C 36 -14.57 19.26 42.54
N GLU C 37 -13.75 18.53 43.26
CA GLU C 37 -12.36 18.97 43.49
C GLU C 37 -11.65 19.08 42.13
N LEU C 38 -11.73 18.00 41.37
CA LEU C 38 -11.01 17.86 40.13
C LEU C 38 -11.44 18.91 39.15
N ALA C 39 -12.72 19.18 39.06
CA ALA C 39 -13.18 20.18 38.13
C ALA C 39 -12.58 21.54 38.49
N LEU C 40 -12.53 21.87 39.79
CA LEU C 40 -11.95 23.17 40.19
C LEU C 40 -10.44 23.27 39.87
N LYS C 41 -9.72 22.20 40.12
CA LYS C 41 -8.30 22.16 39.75
C LYS C 41 -8.09 22.32 38.23
N LEU C 42 -8.87 21.62 37.43
CA LEU C 42 -8.72 21.70 35.99
C LEU C 42 -8.99 23.11 35.51
N ALA C 43 -10.02 23.73 36.08
CA ALA C 43 -10.30 25.14 35.77
C ALA C 43 -9.09 26.04 36.06
N GLY C 44 -8.20 25.63 36.95
CA GLY C 44 -6.94 26.38 37.16
C GLY C 44 -5.80 26.11 36.17
N LEU C 45 -6.00 25.16 35.26
CA LEU C 45 -4.93 24.78 34.28
C LEU C 45 -4.55 26.03 33.50
N ASP C 46 -3.28 26.43 33.56
CA ASP C 46 -2.83 27.72 33.01
C ASP C 46 -1.42 27.57 32.46
N ILE C 47 -1.29 27.55 31.13
CA ILE C 47 0.03 27.47 30.55
C ILE C 47 0.81 28.79 30.56
N ASN C 48 0.19 29.87 30.98
CA ASN C 48 0.85 31.17 31.00
C ASN C 48 1.24 31.63 32.40
N LYS C 49 1.06 30.82 33.43
CA LYS C 49 1.55 31.20 34.77
C LYS C 49 3.04 31.05 34.83
N THR C 50 3.63 31.47 35.95
CA THR C 50 5.10 31.45 36.10
C THR C 50 5.50 30.86 37.46
N GLU C 51 4.59 30.04 38.01
CA GLU C 51 4.85 29.13 39.15
C GLU C 51 5.80 27.93 38.85
N GLY C 52 6.26 27.81 37.60
CA GLY C 52 7.32 26.85 37.24
C GLY C 52 7.63 25.81 38.31
#